data_6EA1
#
_entry.id   6EA1
#
_cell.length_a   75.491
_cell.length_b   108.920
_cell.length_c   118.150
_cell.angle_alpha   90.000
_cell.angle_beta   90.000
_cell.angle_gamma   90.000
#
_symmetry.space_group_name_H-M   'P 21 21 21'
#
loop_
_entity.id
_entity.type
_entity.pdbx_description
1 polymer 'M1 family aminopeptidase'
2 non-polymer 'ZINC ION'
3 non-polymer "(2R)-2,3,3,3-tetrafluoro-N-[(1R)-2-(hydroxyamino)-2-oxo-1-(3',4',5'-trifluoro[1,1'-biphenyl]-4-yl)ethyl]propanamide"
4 non-polymer GLYCEROL
5 non-polymer 'MAGNESIUM ION'
6 water water
#
_entity_poly.entity_id   1
_entity_poly.type   'polypeptide(L)'
_entity_poly.pdbx_seq_one_letter_code
;PKIHYRKDYKPSGFIINQVTLNINIHDQETIVRSVLDMDISKHNVGEDLVFDGVGLKINEISINNKKLVEGEEYTYDNEF
LTIFSKFVPKSKFAFSSEVIIHPETNYALTGLYKSKNIIVSQCEATGFRRITFFIDRPDMMAKYDVTVTADKEKYPVLLS
NGDKVNEFEIPGGRHGARFNDPPLKPCYLFAVVAGDLKHLSATYITKYTKKKVELYVFSEEKYVSKLQWALECLKKSMAF
DEDYFGLEYDLSRLNLVAVSDFNVGAMENKGLNIFNANSLLASKKNSIDFSYARILTVVGHEYFHQYTGNRVTLRDWFQL
TLKEGLTVHRENLFSEEMTKTVTTRLSHVDLLRSVQFLEDSSPLSHPIRPESYVSMENFYTTTVYDKGSEVMRMYLTILG
EEYYKKGFDIYIKKNDGNTATCEDFNYAMEQAYKMKKADNSANLNQYLLWFSQSGTPHVSFKYNYDAEKKQYSIHVNQYT
KPDENQKEKKPLFIPISVGLINPENGKEMISQTTLELTKESDTFVFNNIAVKPIPSLFRGFSAPVYIEDQLTDEERILLL
KYDSDAFVRYNSCTNIYMKQILMNYNEFLKAKNEKLESFQLTPVNAQFIDAIKYLLEDPHADAGFKSYIVSLPQDRYIIN
FVSNLDTDVLADTKEYIYKQIGDKLNDVYYKMFKSLEAKADDLTYFNDESHVDFDQMNMRTLRNTLLSLLSKAQYPNILN
EIIEHSKSPYPSNWLTSLSVSAYFDKYFELYDKTYKLSKDDELLLQEWLKTVSRSDRKDIYEILKKLENEVLKDSKNPND
IRAVYLPFTNNLRRFHDISGKGYKLIAEVITKTDKFNPMVATQLCEPFKLWNKLDTKRQELMLNEMNTMLQEPQISNNLK
EYLLRLTNK
;
_entity_poly.pdbx_strand_id   A
#
# COMPACT_ATOMS: atom_id res chain seq x y z
N PRO A 1 -22.03 15.94 11.65
CA PRO A 1 -21.08 15.00 11.00
C PRO A 1 -21.05 13.64 11.71
N LYS A 2 -21.61 12.63 11.08
CA LYS A 2 -21.85 11.36 11.79
C LYS A 2 -20.57 10.62 12.14
N ILE A 3 -20.41 10.27 13.42
CA ILE A 3 -19.28 9.46 13.84
C ILE A 3 -19.76 8.05 14.12
N HIS A 4 -19.12 7.07 13.49
CA HIS A 4 -19.49 5.68 13.71
C HIS A 4 -18.55 5.04 14.74
N TYR A 5 -19.11 4.34 15.72
CA TYR A 5 -18.31 3.72 16.78
C TYR A 5 -18.31 2.20 16.69
N ARG A 6 -17.13 1.60 16.82
CA ARG A 6 -17.01 0.14 16.77
C ARG A 6 -17.89 -0.55 17.81
N LYS A 7 -17.96 0.00 19.02
CA LYS A 7 -18.73 -0.64 20.09
C LYS A 7 -20.23 -0.64 19.82
N ASP A 8 -20.66 0.14 18.84
CA ASP A 8 -22.09 0.31 18.58
C ASP A 8 -22.66 -0.69 17.58
N TYR A 9 -21.83 -1.62 17.09
CA TYR A 9 -22.31 -2.58 16.11
C TYR A 9 -23.56 -3.31 16.58
N LYS A 10 -24.57 -3.32 15.72
CA LYS A 10 -25.80 -4.07 15.94
C LYS A 10 -26.33 -4.59 14.61
N PRO A 11 -26.82 -5.81 14.61
CA PRO A 11 -27.28 -6.27 13.30
C PRO A 11 -28.56 -5.57 12.85
N SER A 12 -28.78 -5.53 11.55
CA SER A 12 -29.94 -4.84 10.95
C SER A 12 -31.29 -5.47 11.32
N GLY A 13 -32.34 -4.65 11.39
CA GLY A 13 -33.70 -5.14 11.55
C GLY A 13 -34.28 -5.67 10.25
N PHE A 14 -33.49 -5.65 9.18
CA PHE A 14 -33.94 -6.16 7.89
C PHE A 14 -32.97 -7.15 7.28
N ILE A 15 -33.47 -7.87 6.28
CA ILE A 15 -32.69 -8.80 5.49
C ILE A 15 -32.90 -8.52 4.00
N ILE A 16 -31.83 -8.57 3.20
CA ILE A 16 -31.96 -8.51 1.74
C ILE A 16 -31.48 -9.86 1.21
N ASN A 17 -32.39 -10.65 0.65
CA ASN A 17 -32.02 -12.00 0.20
C ASN A 17 -31.61 -12.02 -1.25
N GLN A 18 -32.27 -11.19 -2.06
CA GLN A 18 -32.02 -11.21 -3.49
C GLN A 18 -32.02 -9.80 -4.07
N VAL A 19 -31.01 -9.52 -4.90
CA VAL A 19 -30.93 -8.28 -5.65
C VAL A 19 -31.13 -8.58 -7.12
N THR A 20 -32.10 -7.94 -7.76
CA THR A 20 -32.23 -8.09 -9.21
C THR A 20 -32.08 -6.73 -9.88
N LEU A 21 -30.97 -6.54 -10.60
CA LEU A 21 -30.63 -5.25 -11.22
C LEU A 21 -30.77 -5.20 -12.73
N ASN A 22 -31.31 -4.10 -13.23
CA ASN A 22 -31.23 -3.78 -14.65
C ASN A 22 -30.51 -2.44 -14.78
N ILE A 23 -29.31 -2.48 -15.34
CA ILE A 23 -28.49 -1.27 -15.51
C ILE A 23 -28.48 -0.92 -17.00
N ASN A 24 -29.19 0.15 -17.35
CA ASN A 24 -29.31 0.57 -18.74
C ASN A 24 -28.50 1.84 -19.02
N ILE A 25 -27.39 1.65 -19.73
CA ILE A 25 -26.46 2.72 -20.00
C ILE A 25 -26.84 3.50 -21.25
N HIS A 26 -27.05 4.80 -21.08
CA HIS A 26 -27.36 5.65 -22.22
C HIS A 26 -26.35 6.76 -22.36
N ASP A 27 -26.46 7.53 -23.44
CA ASP A 27 -25.47 8.55 -23.76
C ASP A 27 -25.32 9.60 -22.66
N GLN A 28 -26.45 10.08 -22.14
CA GLN A 28 -26.46 11.20 -21.21
C GLN A 28 -26.76 10.81 -19.78
N GLU A 29 -27.12 9.55 -19.58
CA GLU A 29 -27.55 9.08 -18.26
C GLU A 29 -27.55 7.57 -18.22
N THR A 30 -27.61 7.04 -17.01
CA THR A 30 -27.73 5.62 -16.82
C THR A 30 -28.92 5.39 -15.90
N ILE A 31 -29.83 4.53 -16.35
CA ILE A 31 -31.04 4.20 -15.60
C ILE A 31 -30.83 2.89 -14.87
N VAL A 32 -31.07 2.89 -13.57
CA VAL A 32 -30.91 1.67 -12.80
C VAL A 32 -32.24 1.24 -12.17
N ARG A 33 -32.70 0.05 -12.55
CA ARG A 33 -33.90 -0.53 -11.96
C ARG A 33 -33.43 -1.64 -11.03
N SER A 34 -34.00 -1.68 -9.83
CA SER A 34 -33.60 -2.65 -8.82
C SER A 34 -34.82 -3.21 -8.08
N VAL A 35 -34.90 -4.53 -7.98
CA VAL A 35 -35.85 -5.18 -7.10
C VAL A 35 -35.08 -5.89 -6.01
N LEU A 36 -35.41 -5.56 -4.76
CA LEU A 36 -34.79 -6.20 -3.61
C LEU A 36 -35.80 -7.13 -2.96
N ASP A 37 -35.48 -8.42 -2.87
CA ASP A 37 -36.38 -9.31 -2.14
C ASP A 37 -35.94 -9.32 -0.69
N MET A 38 -36.81 -8.83 0.18
CA MET A 38 -36.42 -8.54 1.54
C MET A 38 -37.24 -9.27 2.59
N ASP A 39 -36.79 -9.16 3.83
CA ASP A 39 -37.49 -9.80 4.94
C ASP A 39 -37.24 -8.96 6.20
N ILE A 40 -37.99 -9.28 7.24
CA ILE A 40 -37.83 -8.68 8.56
C ILE A 40 -36.95 -9.60 9.43
N SER A 41 -35.87 -9.08 9.99
CA SER A 41 -35.00 -9.89 10.87
C SER A 41 -35.52 -9.98 12.31
N LYS A 42 -34.93 -10.92 13.06
CA LYS A 42 -35.32 -11.14 14.47
C LYS A 42 -34.93 -9.95 15.35
N HIS A 43 -34.13 -9.06 14.78
CA HIS A 43 -33.66 -7.89 15.48
C HIS A 43 -34.53 -6.68 15.22
N ASN A 44 -35.54 -6.86 14.36
CA ASN A 44 -36.43 -5.75 14.05
C ASN A 44 -37.35 -5.32 15.22
N VAL A 45 -37.55 -4.01 15.39
CA VAL A 45 -38.40 -3.49 16.48
C VAL A 45 -39.43 -2.50 15.93
N GLY A 46 -39.84 -2.72 14.69
CA GLY A 46 -40.82 -1.87 14.04
C GLY A 46 -40.29 -0.53 13.54
N GLU A 47 -39.00 -0.44 13.27
CA GLU A 47 -38.40 0.82 12.84
C GLU A 47 -38.75 1.16 11.38
N ASP A 48 -38.52 2.43 11.01
CA ASP A 48 -38.59 2.85 9.61
C ASP A 48 -37.61 2.03 8.78
N LEU A 49 -37.94 1.79 7.52
CA LEU A 49 -36.98 1.20 6.59
C LEU A 49 -36.13 2.31 5.99
N VAL A 50 -34.85 2.30 6.31
CA VAL A 50 -33.94 3.33 5.84
C VAL A 50 -32.87 2.75 4.94
N PHE A 51 -32.88 3.21 3.69
CA PHE A 51 -31.87 2.85 2.72
C PHE A 51 -30.82 3.94 2.56
N ASP A 52 -29.59 3.52 2.36
CA ASP A 52 -28.59 4.40 1.82
C ASP A 52 -28.86 4.64 0.35
N GLY A 53 -28.67 5.89 -0.08
CA GLY A 53 -28.81 6.23 -1.48
C GLY A 53 -28.26 7.65 -1.65
N VAL A 54 -27.11 7.78 -2.31
CA VAL A 54 -26.41 9.06 -2.40
C VAL A 54 -26.43 9.61 -3.82
N GLY A 55 -27.01 10.79 -4.01
CA GLY A 55 -27.01 11.42 -5.31
C GLY A 55 -27.86 10.72 -6.36
N LEU A 56 -28.90 10.02 -5.92
CA LEU A 56 -29.75 9.27 -6.84
C LEU A 56 -30.91 10.14 -7.28
N LYS A 57 -31.31 10.07 -8.55
CA LYS A 57 -32.52 10.78 -8.99
C LYS A 57 -33.65 9.78 -9.05
N ILE A 58 -34.67 9.95 -8.21
CA ILE A 58 -35.74 8.95 -8.17
C ILE A 58 -36.75 9.07 -9.33
N ASN A 59 -36.94 7.98 -10.08
CA ASN A 59 -38.06 7.92 -11.03
C ASN A 59 -39.29 7.27 -10.40
N GLU A 60 -39.08 6.16 -9.72
CA GLU A 60 -40.16 5.62 -8.89
C GLU A 60 -39.63 4.70 -7.82
N ILE A 61 -40.38 4.57 -6.71
CA ILE A 61 -40.11 3.50 -5.77
C ILE A 61 -41.43 2.82 -5.42
N SER A 62 -41.36 1.52 -5.16
CA SER A 62 -42.53 0.72 -4.87
C SER A 62 -42.21 -0.31 -3.81
N ILE A 63 -43.24 -0.75 -3.13
CA ILE A 63 -43.19 -1.91 -2.26
C ILE A 63 -44.29 -2.89 -2.74
N ASN A 64 -43.92 -4.14 -3.05
CA ASN A 64 -44.88 -5.13 -3.56
C ASN A 64 -45.68 -4.61 -4.76
N ASN A 65 -44.98 -3.90 -5.63
CA ASN A 65 -45.52 -3.38 -6.88
C ASN A 65 -46.56 -2.30 -6.68
N LYS A 66 -46.57 -1.69 -5.48
CA LYS A 66 -47.42 -0.56 -5.24
C LYS A 66 -46.56 0.70 -5.12
N LYS A 67 -46.78 1.64 -6.02
CA LYS A 67 -46.03 2.89 -6.06
C LYS A 67 -46.13 3.64 -4.72
N LEU A 68 -44.99 4.05 -4.17
CA LEU A 68 -44.96 4.89 -2.97
C LEU A 68 -44.94 6.37 -3.35
N VAL A 69 -45.52 7.21 -2.52
CA VAL A 69 -45.60 8.62 -2.86
C VAL A 69 -44.75 9.44 -1.90
N GLU A 70 -43.98 10.37 -2.45
CA GLU A 70 -43.08 11.20 -1.65
C GLU A 70 -43.82 12.08 -0.63
N GLY A 71 -43.26 12.17 0.57
CA GLY A 71 -43.87 12.98 1.61
C GLY A 71 -44.76 12.17 2.55
N GLU A 72 -45.72 11.47 1.97
CA GLU A 72 -46.69 10.71 2.77
C GLU A 72 -46.12 9.37 3.27
N GLU A 73 -45.52 8.62 2.35
CA GLU A 73 -45.00 7.29 2.65
C GLU A 73 -43.47 7.22 2.71
N TYR A 74 -42.79 8.16 2.06
CA TYR A 74 -41.33 8.20 2.16
C TYR A 74 -40.77 9.60 2.04
N THR A 75 -39.55 9.77 2.55
CA THR A 75 -38.75 10.96 2.30
C THR A 75 -37.37 10.56 1.76
N TYR A 76 -36.77 11.43 0.95
CA TYR A 76 -35.42 11.24 0.43
C TYR A 76 -34.63 12.55 0.48
N ASP A 77 -33.46 12.53 1.09
CA ASP A 77 -32.68 13.75 1.31
C ASP A 77 -31.33 13.73 0.61
N ASN A 78 -31.22 12.91 -0.44
CA ASN A 78 -30.00 12.71 -1.24
C ASN A 78 -28.92 11.91 -0.51
N GLU A 79 -29.27 11.35 0.65
CA GLU A 79 -28.35 10.52 1.41
C GLU A 79 -29.05 9.27 1.94
N PHE A 80 -30.28 9.47 2.42
CA PHE A 80 -31.07 8.38 3.01
C PHE A 80 -32.49 8.37 2.46
N LEU A 81 -32.95 7.19 2.06
CA LEU A 81 -34.34 7.00 1.68
C LEU A 81 -35.03 6.38 2.90
N THR A 82 -36.03 7.08 3.44
CA THR A 82 -36.74 6.64 4.63
C THR A 82 -38.17 6.26 4.28
N ILE A 83 -38.52 5.00 4.47
CA ILE A 83 -39.91 4.55 4.27
C ILE A 83 -40.54 4.37 5.64
N PHE A 84 -41.62 5.10 5.91
CA PHE A 84 -42.15 5.17 7.27
C PHE A 84 -42.68 3.80 7.65
N SER A 85 -42.43 3.39 8.89
CA SER A 85 -42.64 2.00 9.27
C SER A 85 -44.07 1.53 9.08
N LYS A 86 -45.06 2.43 9.18
CA LYS A 86 -46.44 2.00 8.96
C LYS A 86 -46.66 1.51 7.53
N PHE A 87 -45.71 1.76 6.64
CA PHE A 87 -45.83 1.34 5.25
C PHE A 87 -44.90 0.21 4.91
N VAL A 88 -44.15 -0.25 5.92
CA VAL A 88 -43.22 -1.38 5.75
C VAL A 88 -43.90 -2.71 6.12
N PRO A 89 -43.89 -3.70 5.20
CA PRO A 89 -44.54 -5.00 5.47
C PRO A 89 -43.95 -5.73 6.69
N LYS A 90 -44.69 -6.70 7.24
CA LYS A 90 -44.26 -7.40 8.45
C LYS A 90 -43.65 -8.75 8.13
N SER A 91 -43.72 -9.13 6.86
CA SER A 91 -43.12 -10.38 6.41
C SER A 91 -42.37 -10.11 5.12
N LYS A 92 -41.98 -11.18 4.43
CA LYS A 92 -41.23 -11.06 3.18
C LYS A 92 -41.95 -10.13 2.21
N PHE A 93 -41.17 -9.25 1.59
CA PHE A 93 -41.70 -8.25 0.67
C PHE A 93 -40.68 -7.89 -0.38
N ALA A 94 -41.14 -7.26 -1.45
CA ALA A 94 -40.26 -6.79 -2.50
C ALA A 94 -40.20 -5.27 -2.49
N PHE A 95 -39.00 -4.70 -2.51
CA PHE A 95 -38.85 -3.26 -2.68
C PHE A 95 -38.28 -2.99 -4.07
N SER A 96 -38.88 -2.07 -4.82
CA SER A 96 -38.32 -1.80 -6.12
C SER A 96 -38.13 -0.30 -6.33
N SER A 97 -37.19 0.04 -7.21
CA SER A 97 -36.91 1.43 -7.48
C SER A 97 -36.33 1.57 -8.87
N GLU A 98 -36.51 2.77 -9.43
CA GLU A 98 -35.83 3.13 -10.66
C GLU A 98 -35.21 4.50 -10.43
N VAL A 99 -33.89 4.59 -10.60
CA VAL A 99 -33.18 5.84 -10.38
C VAL A 99 -32.35 6.18 -11.59
N ILE A 100 -31.96 7.46 -11.68
CA ILE A 100 -31.07 7.90 -12.74
C ILE A 100 -29.76 8.36 -12.11
N ILE A 101 -28.64 7.93 -12.69
CA ILE A 101 -27.33 8.39 -12.27
C ILE A 101 -26.53 8.77 -13.52
N HIS A 102 -25.34 9.33 -13.33
CA HIS A 102 -24.64 9.98 -14.45
C HIS A 102 -23.13 9.68 -14.43
N PRO A 103 -22.75 8.48 -14.85
CA PRO A 103 -21.34 8.07 -14.80
C PRO A 103 -20.40 9.03 -15.54
N GLU A 104 -20.88 9.67 -16.60
CA GLU A 104 -20.06 10.58 -17.41
C GLU A 104 -19.42 11.69 -16.59
N THR A 105 -20.17 12.23 -15.64
CA THR A 105 -19.66 13.38 -14.91
C THR A 105 -19.25 13.00 -13.48
N ASN A 106 -19.10 11.71 -13.25
CA ASN A 106 -18.72 11.20 -11.95
C ASN A 106 -17.20 11.16 -11.81
N TYR A 107 -16.60 12.31 -11.50
CA TYR A 107 -15.15 12.45 -11.46
C TYR A 107 -14.51 12.00 -10.15
N ALA A 108 -15.34 11.67 -9.16
CA ALA A 108 -14.85 11.21 -7.87
C ALA A 108 -14.45 9.73 -7.91
N LEU A 109 -14.88 9.05 -8.98
CA LEU A 109 -14.47 7.68 -9.30
C LEU A 109 -14.93 6.69 -8.22
N THR A 110 -16.13 6.95 -7.67
CA THR A 110 -16.77 6.04 -6.73
C THR A 110 -18.21 5.80 -7.23
N GLY A 111 -18.76 4.61 -7.01
CA GLY A 111 -20.08 4.34 -7.57
C GLY A 111 -19.91 3.92 -9.02
N LEU A 112 -20.78 4.37 -9.93
CA LEU A 112 -20.59 4.01 -11.32
C LEU A 112 -20.01 5.20 -12.09
N TYR A 113 -18.92 5.00 -12.82
CA TYR A 113 -18.30 6.13 -13.48
C TYR A 113 -17.72 5.76 -14.82
N LYS A 114 -17.29 6.80 -15.54
CA LYS A 114 -16.72 6.60 -16.85
C LYS A 114 -15.23 6.91 -16.78
N SER A 115 -14.42 5.96 -17.20
CA SER A 115 -12.99 6.18 -17.32
C SER A 115 -12.61 6.09 -18.79
N LYS A 116 -12.31 7.23 -19.40
CA LYS A 116 -12.08 7.30 -20.83
C LYS A 116 -13.36 6.76 -21.51
N ASN A 117 -13.25 5.65 -22.25
CA ASN A 117 -14.45 5.10 -22.89
C ASN A 117 -14.93 3.81 -22.24
N ILE A 118 -14.58 3.63 -20.97
CA ILE A 118 -15.02 2.45 -20.21
C ILE A 118 -15.93 2.88 -19.07
N ILE A 119 -17.07 2.23 -18.96
CA ILE A 119 -17.96 2.40 -17.82
C ILE A 119 -17.55 1.39 -16.77
N VAL A 120 -17.36 1.83 -15.55
CA VAL A 120 -16.80 0.94 -14.54
C VAL A 120 -17.32 1.32 -13.15
N SER A 121 -17.43 0.35 -12.25
CA SER A 121 -17.88 0.65 -10.89
C SER A 121 -16.74 0.55 -9.86
N GLN A 122 -16.87 1.28 -8.77
CA GLN A 122 -16.05 1.06 -7.59
C GLN A 122 -16.96 1.21 -6.38
N CYS A 123 -17.21 0.09 -5.70
CA CYS A 123 -18.21 0.09 -4.62
C CYS A 123 -17.63 0.02 -3.21
N GLU A 124 -16.45 -0.55 -3.00
CA GLU A 124 -15.86 -0.46 -1.65
C GLU A 124 -15.47 1.01 -1.34
N ALA A 125 -15.79 1.51 -0.14
CA ALA A 125 -16.48 0.76 0.91
C ALA A 125 -17.99 0.94 0.82
N THR A 126 -18.43 2.19 0.68
CA THR A 126 -19.84 2.48 0.63
C THR A 126 -20.22 3.20 -0.66
N GLY A 127 -19.71 2.67 -1.77
CA GLY A 127 -20.03 3.22 -3.07
C GLY A 127 -21.28 2.60 -3.73
N PHE A 128 -21.73 1.43 -3.28
CA PHE A 128 -22.88 0.79 -3.93
C PHE A 128 -24.12 1.70 -3.82
N ARG A 129 -24.20 2.44 -2.72
CA ARG A 129 -25.32 3.36 -2.50
C ARG A 129 -25.35 4.53 -3.50
N ARG A 130 -24.27 4.74 -4.26
CA ARG A 130 -24.27 5.73 -5.33
C ARG A 130 -24.81 5.18 -6.65
N ILE A 131 -25.14 3.89 -6.64
CA ILE A 131 -25.65 3.22 -7.83
C ILE A 131 -27.14 2.95 -7.67
N THR A 132 -27.52 2.46 -6.50
CA THR A 132 -28.92 2.23 -6.21
C THR A 132 -29.17 2.17 -4.70
N PHE A 133 -30.43 2.16 -4.27
CA PHE A 133 -30.73 2.11 -2.85
C PHE A 133 -30.34 0.75 -2.26
N PHE A 134 -29.84 0.77 -1.03
CA PHE A 134 -29.41 -0.47 -0.38
C PHE A 134 -29.14 -0.22 1.10
N ILE A 135 -29.03 -1.29 1.86
CA ILE A 135 -28.56 -1.15 3.23
C ILE A 135 -27.07 -1.45 3.14
N ASP A 136 -26.30 -0.40 2.91
CA ASP A 136 -24.94 -0.49 2.37
C ASP A 136 -23.92 -0.73 3.47
N ARG A 137 -23.81 -1.99 3.87
CA ARG A 137 -22.93 -2.47 4.94
C ARG A 137 -22.64 -3.94 4.66
N PRO A 138 -21.42 -4.40 4.96
CA PRO A 138 -21.00 -5.72 4.45
C PRO A 138 -21.65 -6.90 5.13
N ASP A 139 -22.41 -6.72 6.21
CA ASP A 139 -23.11 -7.87 6.81
C ASP A 139 -24.47 -8.11 6.15
N MET A 140 -24.82 -7.29 5.14
CA MET A 140 -26.09 -7.49 4.41
C MET A 140 -25.82 -8.31 3.14
N MET A 141 -25.71 -9.62 3.32
CA MET A 141 -25.35 -10.54 2.25
C MET A 141 -26.56 -10.94 1.42
N ALA A 142 -26.39 -11.00 0.11
CA ALA A 142 -27.51 -11.26 -0.79
C ALA A 142 -27.03 -11.95 -2.06
N LYS A 143 -27.99 -12.54 -2.79
CA LYS A 143 -27.73 -13.08 -4.12
C LYS A 143 -27.96 -11.97 -5.16
N TYR A 144 -27.25 -12.02 -6.28
CA TYR A 144 -27.32 -10.98 -7.30
C TYR A 144 -27.62 -11.50 -8.69
N ASP A 145 -28.60 -10.88 -9.33
CA ASP A 145 -29.01 -11.20 -10.68
C ASP A 145 -28.96 -9.87 -11.43
N VAL A 146 -28.00 -9.71 -12.33
CA VAL A 146 -27.66 -8.40 -12.90
C VAL A 146 -27.72 -8.40 -14.42
N THR A 147 -28.55 -7.53 -14.97
CA THR A 147 -28.60 -7.33 -16.42
C THR A 147 -28.06 -5.94 -16.77
N VAL A 148 -27.15 -5.89 -17.74
CA VAL A 148 -26.58 -4.64 -18.23
C VAL A 148 -26.97 -4.48 -19.68
N THR A 149 -27.43 -3.29 -20.06
CA THR A 149 -27.65 -3.02 -21.49
C THR A 149 -26.92 -1.74 -21.92
N ALA A 150 -26.61 -1.66 -23.21
CA ALA A 150 -25.76 -0.57 -23.71
C ALA A 150 -25.72 -0.55 -25.23
N ASP A 151 -25.34 0.61 -25.79
CA ASP A 151 -25.01 0.69 -27.21
C ASP A 151 -23.97 -0.38 -27.55
N LYS A 152 -24.24 -1.22 -28.55
CA LYS A 152 -23.34 -2.32 -28.85
C LYS A 152 -22.01 -1.85 -29.43
N GLU A 153 -22.05 -0.85 -30.32
CA GLU A 153 -20.82 -0.35 -30.92
C GLU A 153 -19.86 0.24 -29.88
N LYS A 154 -20.35 1.07 -28.97
CA LYS A 154 -19.49 1.68 -27.95
C LYS A 154 -19.10 0.70 -26.85
N TYR A 155 -20.01 -0.23 -26.53
CA TYR A 155 -19.81 -1.11 -25.36
C TYR A 155 -20.04 -2.60 -25.65
N PRO A 156 -19.22 -3.20 -26.52
CA PRO A 156 -19.46 -4.59 -26.93
C PRO A 156 -19.17 -5.60 -25.83
N VAL A 157 -18.32 -5.24 -24.88
CA VAL A 157 -17.96 -6.14 -23.78
C VAL A 157 -18.69 -5.70 -22.52
N LEU A 158 -19.49 -6.61 -21.98
CA LEU A 158 -20.29 -6.34 -20.80
C LEU A 158 -19.91 -7.38 -19.77
N LEU A 159 -19.61 -6.94 -18.56
CA LEU A 159 -19.20 -7.85 -17.49
C LEU A 159 -19.84 -7.51 -16.16
N SER A 160 -20.19 -8.53 -15.38
CA SER A 160 -20.51 -8.35 -13.97
C SER A 160 -20.09 -9.62 -13.23
N ASN A 161 -20.40 -9.71 -11.93
CA ASN A 161 -20.13 -10.92 -11.17
C ASN A 161 -20.96 -12.11 -11.60
N GLY A 162 -20.38 -13.32 -11.46
CA GLY A 162 -21.14 -14.54 -11.65
C GLY A 162 -21.09 -15.06 -13.08
N ASP A 163 -22.00 -15.96 -13.42
CA ASP A 163 -22.02 -16.53 -14.75
C ASP A 163 -22.86 -15.69 -15.69
N LYS A 164 -22.35 -15.50 -16.90
CA LYS A 164 -23.12 -14.87 -17.96
C LYS A 164 -24.12 -15.88 -18.44
N VAL A 165 -25.40 -15.63 -18.21
CA VAL A 165 -26.38 -16.65 -18.50
C VAL A 165 -27.21 -16.32 -19.72
N ASN A 166 -27.20 -15.05 -20.14
CA ASN A 166 -27.87 -14.66 -21.38
C ASN A 166 -27.21 -13.46 -22.03
N GLU A 167 -27.24 -13.45 -23.36
CA GLU A 167 -26.80 -12.32 -24.17
C GLU A 167 -27.88 -12.09 -25.22
N PHE A 168 -28.29 -10.86 -25.42
CA PHE A 168 -29.40 -10.61 -26.33
C PHE A 168 -29.30 -9.27 -27.03
N GLU A 169 -29.89 -9.21 -28.23
CA GLU A 169 -29.94 -7.98 -29.00
C GLU A 169 -31.14 -7.14 -28.56
N ILE A 170 -31.02 -5.81 -28.75
CA ILE A 170 -32.03 -4.83 -28.38
C ILE A 170 -32.21 -3.86 -29.55
N PRO A 171 -33.47 -3.51 -29.88
CA PRO A 171 -33.70 -2.55 -30.96
C PRO A 171 -32.95 -1.23 -30.76
N GLY A 172 -32.48 -0.64 -31.86
CA GLY A 172 -31.80 0.63 -31.80
C GLY A 172 -30.30 0.51 -31.59
N GLY A 173 -29.75 -0.63 -31.98
CA GLY A 173 -28.31 -0.83 -31.91
C GLY A 173 -27.81 -1.13 -30.50
N ARG A 174 -28.70 -1.61 -29.63
CA ARG A 174 -28.31 -1.90 -28.26
C ARG A 174 -28.17 -3.41 -28.03
N HIS A 175 -27.61 -3.80 -26.90
CA HIS A 175 -27.55 -5.22 -26.58
C HIS A 175 -27.46 -5.36 -25.07
N GLY A 176 -27.78 -6.54 -24.56
CA GLY A 176 -27.74 -6.79 -23.13
C GLY A 176 -27.00 -8.07 -22.79
N ALA A 177 -26.59 -8.18 -21.53
CA ALA A 177 -26.06 -9.41 -20.96
C ALA A 177 -26.59 -9.54 -19.54
N ARG A 178 -26.97 -10.76 -19.17
CA ARG A 178 -27.47 -11.07 -17.83
C ARG A 178 -26.46 -11.94 -17.11
N PHE A 179 -26.13 -11.57 -15.88
CA PHE A 179 -25.20 -12.32 -15.05
C PHE A 179 -25.88 -12.78 -13.78
N ASN A 180 -25.84 -14.08 -13.49
CA ASN A 180 -26.38 -14.55 -12.23
C ASN A 180 -25.28 -15.05 -11.33
N ASP A 181 -25.27 -14.53 -10.09
CA ASP A 181 -24.21 -14.83 -9.11
C ASP A 181 -24.88 -15.37 -7.83
N PRO A 182 -25.17 -16.67 -7.80
CA PRO A 182 -25.89 -17.27 -6.67
C PRO A 182 -25.22 -17.20 -5.27
N PRO A 183 -23.89 -17.35 -5.14
CA PRO A 183 -23.32 -17.24 -3.78
C PRO A 183 -23.57 -15.87 -3.13
N LEU A 184 -23.93 -15.88 -1.85
CA LEU A 184 -24.14 -14.63 -1.12
C LEU A 184 -22.89 -13.77 -1.14
N LYS A 185 -23.07 -12.46 -1.24
CA LYS A 185 -21.91 -11.54 -1.13
C LYS A 185 -22.38 -10.21 -0.60
N PRO A 186 -21.49 -9.44 0.03
CA PRO A 186 -21.76 -8.06 0.43
C PRO A 186 -21.75 -7.16 -0.79
N CYS A 187 -22.42 -6.02 -0.72
CA CYS A 187 -22.59 -5.22 -1.92
C CYS A 187 -21.31 -4.51 -2.36
N TYR A 188 -20.32 -4.37 -1.47
CA TYR A 188 -19.09 -3.68 -1.87
C TYR A 188 -18.31 -4.53 -2.87
N LEU A 189 -18.66 -5.82 -3.01
CA LEU A 189 -17.99 -6.68 -3.99
C LEU A 189 -18.75 -6.77 -5.33
N PHE A 190 -19.90 -6.10 -5.44
CA PHE A 190 -20.55 -5.97 -6.74
C PHE A 190 -19.67 -5.16 -7.68
N ALA A 191 -19.64 -5.55 -8.96
CA ALA A 191 -18.99 -4.74 -10.00
C ALA A 191 -19.67 -4.90 -11.35
N VAL A 192 -19.58 -3.85 -12.15
CA VAL A 192 -20.00 -3.92 -13.53
C VAL A 192 -18.96 -3.19 -14.38
N VAL A 193 -18.76 -3.68 -15.59
CA VAL A 193 -17.85 -3.08 -16.56
C VAL A 193 -18.46 -3.14 -17.94
N ALA A 194 -18.41 -2.03 -18.66
CA ALA A 194 -18.83 -2.04 -20.07
C ALA A 194 -17.83 -1.27 -20.93
N GLY A 195 -17.45 -1.83 -22.07
CA GLY A 195 -16.55 -1.10 -22.95
C GLY A 195 -16.06 -1.88 -24.16
N ASP A 196 -15.28 -1.22 -24.99
CA ASP A 196 -14.68 -1.86 -26.15
C ASP A 196 -13.36 -2.48 -25.69
N LEU A 197 -13.47 -3.52 -24.88
CA LEU A 197 -12.29 -4.14 -24.29
C LEU A 197 -11.70 -5.24 -25.16
N LYS A 198 -10.36 -5.33 -25.16
CA LYS A 198 -9.66 -6.43 -25.79
C LYS A 198 -9.02 -7.28 -24.71
N HIS A 199 -8.72 -8.54 -24.99
CA HIS A 199 -8.27 -9.45 -23.92
C HIS A 199 -7.16 -10.41 -24.35
N LEU A 200 -6.45 -10.90 -23.35
CA LEU A 200 -5.68 -12.14 -23.45
C LEU A 200 -6.36 -13.16 -22.54
N SER A 201 -6.30 -14.44 -22.86
CA SER A 201 -6.94 -15.42 -21.98
C SER A 201 -6.14 -16.71 -21.91
N ALA A 202 -6.41 -17.48 -20.87
CA ALA A 202 -5.79 -18.79 -20.67
C ALA A 202 -6.73 -19.67 -19.85
N THR A 203 -6.42 -20.96 -19.79
CA THR A 203 -7.19 -21.86 -18.94
C THR A 203 -6.28 -22.41 -17.85
N TYR A 204 -6.73 -22.32 -16.59
CA TYR A 204 -6.00 -22.85 -15.46
C TYR A 204 -6.72 -24.06 -14.90
N ILE A 205 -6.00 -25.15 -14.66
CA ILE A 205 -6.63 -26.34 -14.08
C ILE A 205 -6.21 -26.47 -12.61
N THR A 206 -7.20 -26.50 -11.71
CA THR A 206 -6.89 -26.42 -10.27
C THR A 206 -6.22 -27.71 -9.81
N LYS A 207 -5.42 -27.59 -8.76
CA LYS A 207 -4.52 -28.64 -8.29
C LYS A 207 -5.24 -29.93 -7.87
N TYR A 208 -6.36 -29.78 -7.16
CA TYR A 208 -6.98 -30.92 -6.49
C TYR A 208 -8.30 -31.35 -7.10
N THR A 209 -9.21 -30.40 -7.31
CA THR A 209 -10.49 -30.72 -7.90
C THR A 209 -10.40 -30.82 -9.42
N LYS A 210 -9.31 -30.34 -9.99
CA LYS A 210 -9.07 -30.38 -11.43
C LYS A 210 -10.14 -29.63 -12.20
N LYS A 211 -10.66 -28.57 -11.60
CA LYS A 211 -11.60 -27.68 -12.27
C LYS A 211 -10.88 -26.79 -13.29
N LYS A 212 -11.49 -26.62 -14.47
CA LYS A 212 -11.01 -25.67 -15.45
C LYS A 212 -11.51 -24.27 -15.11
N VAL A 213 -10.57 -23.33 -14.96
CA VAL A 213 -10.89 -21.94 -14.71
C VAL A 213 -10.44 -21.13 -15.90
N GLU A 214 -11.36 -20.36 -16.49
CA GLU A 214 -11.02 -19.47 -17.59
C GLU A 214 -10.50 -18.15 -17.01
N LEU A 215 -9.31 -17.73 -17.44
CA LEU A 215 -8.70 -16.50 -17.00
C LEU A 215 -8.72 -15.46 -18.13
N TYR A 216 -9.27 -14.29 -17.86
CA TYR A 216 -9.32 -13.23 -18.85
C TYR A 216 -8.72 -11.95 -18.28
N VAL A 217 -7.85 -11.31 -19.06
CA VAL A 217 -7.27 -10.01 -18.66
C VAL A 217 -7.62 -9.00 -19.78
N PHE A 218 -8.22 -7.87 -19.40
CA PHE A 218 -8.80 -6.93 -20.39
C PHE A 218 -8.13 -5.55 -20.32
N SER A 219 -8.03 -4.86 -21.45
CA SER A 219 -7.62 -3.46 -21.48
C SER A 219 -8.27 -2.81 -22.69
N GLU A 220 -8.16 -1.49 -22.80
CA GLU A 220 -8.51 -0.85 -24.07
C GLU A 220 -7.59 -1.38 -25.18
N GLU A 221 -8.07 -1.29 -26.42
CA GLU A 221 -7.37 -1.90 -27.54
C GLU A 221 -5.92 -1.42 -27.67
N LYS A 222 -5.68 -0.13 -27.45
CA LYS A 222 -4.35 0.45 -27.60
C LYS A 222 -3.29 -0.29 -26.79
N TYR A 223 -3.68 -0.86 -25.65
CA TYR A 223 -2.67 -1.38 -24.72
C TYR A 223 -2.73 -2.91 -24.50
N VAL A 224 -3.42 -3.61 -25.40
CA VAL A 224 -3.61 -5.04 -25.25
C VAL A 224 -2.26 -5.80 -25.24
N SER A 225 -1.25 -5.23 -25.88
CA SER A 225 0.08 -5.84 -25.88
C SER A 225 0.80 -5.72 -24.52
N LYS A 226 0.16 -5.09 -23.54
CA LYS A 226 0.76 -4.92 -22.21
C LYS A 226 0.11 -5.82 -21.14
N LEU A 227 -0.67 -6.81 -21.58
CA LEU A 227 -1.45 -7.64 -20.65
C LEU A 227 -0.75 -8.94 -20.20
N GLN A 228 0.36 -9.29 -20.85
CA GLN A 228 0.88 -10.65 -20.72
C GLN A 228 1.44 -10.96 -19.34
N TRP A 229 2.19 -10.03 -18.75
CA TRP A 229 2.82 -10.30 -17.45
C TRP A 229 1.71 -10.48 -16.38
N ALA A 230 0.65 -9.66 -16.46
CA ALA A 230 -0.49 -9.79 -15.54
C ALA A 230 -1.07 -11.20 -15.54
N LEU A 231 -1.25 -11.78 -16.73
CA LEU A 231 -1.80 -13.12 -16.85
C LEU A 231 -0.84 -14.10 -16.20
N GLU A 232 0.46 -13.91 -16.42
CA GLU A 232 1.45 -14.80 -15.82
C GLU A 232 1.34 -14.71 -14.29
N CYS A 233 1.14 -13.49 -13.79
CA CYS A 233 1.12 -13.28 -12.35
C CYS A 233 -0.13 -13.93 -11.76
N LEU A 234 -1.24 -13.86 -12.48
CA LEU A 234 -2.48 -14.49 -12.01
C LEU A 234 -2.28 -16.00 -11.88
N LYS A 235 -1.69 -16.62 -12.90
CA LYS A 235 -1.42 -18.05 -12.81
C LYS A 235 -0.54 -18.38 -11.61
N LYS A 236 0.46 -17.53 -11.37
CA LYS A 236 1.40 -17.71 -10.27
C LYS A 236 0.70 -17.62 -8.92
N SER A 237 -0.24 -16.69 -8.83
CA SER A 237 -0.98 -16.42 -7.60
C SER A 237 -1.80 -17.63 -7.25
N MET A 238 -2.51 -18.14 -8.25
CA MET A 238 -3.39 -19.29 -8.07
C MET A 238 -2.58 -20.49 -7.58
N ALA A 239 -1.39 -20.67 -8.16
CA ALA A 239 -0.54 -21.81 -7.79
C ALA A 239 -0.01 -21.67 -6.38
N PHE A 240 0.31 -20.44 -5.97
CA PHE A 240 0.84 -20.24 -4.63
C PHE A 240 -0.23 -20.48 -3.60
N ASP A 241 -1.46 -20.04 -3.87
CA ASP A 241 -2.50 -20.29 -2.88
C ASP A 241 -2.75 -21.81 -2.80
N GLU A 242 -2.71 -22.51 -3.94
CA GLU A 242 -2.81 -23.97 -3.88
C GLU A 242 -1.66 -24.62 -3.09
N ASP A 243 -0.43 -24.20 -3.37
CA ASP A 243 0.76 -24.87 -2.85
C ASP A 243 1.04 -24.55 -1.37
N TYR A 244 0.96 -23.28 -0.99
CA TYR A 244 1.21 -22.93 0.39
C TYR A 244 -0.02 -23.17 1.29
N PHE A 245 -1.20 -22.74 0.84
CA PHE A 245 -2.38 -22.77 1.71
C PHE A 245 -3.39 -23.89 1.38
N GLY A 246 -3.17 -24.62 0.30
CA GLY A 246 -4.08 -25.68 -0.10
C GLY A 246 -5.43 -25.18 -0.61
N LEU A 247 -5.46 -23.94 -1.11
CA LEU A 247 -6.71 -23.29 -1.50
C LEU A 247 -6.82 -23.15 -3.02
N GLU A 248 -7.93 -23.64 -3.57
CA GLU A 248 -8.20 -23.51 -5.01
C GLU A 248 -9.33 -22.52 -5.30
N TYR A 249 -9.27 -21.92 -6.49
CA TYR A 249 -10.36 -21.05 -6.95
C TYR A 249 -11.64 -21.85 -7.18
N ASP A 250 -12.77 -21.27 -6.81
CA ASP A 250 -14.06 -21.96 -6.78
C ASP A 250 -14.99 -21.62 -7.96
N LEU A 251 -14.63 -20.60 -8.73
CA LEU A 251 -15.50 -20.13 -9.81
C LEU A 251 -14.99 -20.56 -11.19
N SER A 252 -15.88 -20.53 -12.19
CA SER A 252 -15.49 -21.00 -13.51
CA SER A 252 -15.52 -20.98 -13.53
C SER A 252 -14.62 -19.98 -14.27
N ARG A 253 -14.64 -18.73 -13.84
CA ARG A 253 -13.97 -17.69 -14.60
C ARG A 253 -13.50 -16.57 -13.66
N LEU A 254 -12.35 -15.99 -14.00
CA LEU A 254 -11.84 -14.82 -13.30
C LEU A 254 -11.41 -13.78 -14.33
N ASN A 255 -11.98 -12.58 -14.21
CA ASN A 255 -11.67 -11.46 -15.09
C ASN A 255 -10.85 -10.40 -14.37
N LEU A 256 -9.77 -9.93 -15.02
CA LEU A 256 -9.04 -8.77 -14.55
C LEU A 256 -9.21 -7.67 -15.60
N VAL A 257 -9.47 -6.45 -15.16
CA VAL A 257 -9.75 -5.36 -16.09
C VAL A 257 -8.95 -4.10 -15.70
N ALA A 258 -8.22 -3.56 -16.66
CA ALA A 258 -7.47 -2.31 -16.43
C ALA A 258 -8.28 -1.09 -16.88
N VAL A 259 -8.36 -0.10 -16.01
CA VAL A 259 -8.92 1.21 -16.35
C VAL A 259 -7.93 2.34 -16.02
N SER A 260 -8.01 3.42 -16.78
CA SER A 260 -7.04 4.49 -16.70
C SER A 260 -7.22 5.35 -15.46
N ASP A 261 -8.48 5.51 -15.04
CA ASP A 261 -8.84 6.38 -13.92
C ASP A 261 -9.26 5.58 -12.69
N PHE A 262 -8.44 5.57 -11.64
CA PHE A 262 -8.73 4.74 -10.47
C PHE A 262 -8.10 5.38 -9.23
N ASN A 263 -8.84 5.38 -8.13
CA ASN A 263 -8.40 6.08 -6.92
C ASN A 263 -7.23 5.39 -6.24
N VAL A 264 -7.11 4.07 -6.41
CA VAL A 264 -6.08 3.30 -5.72
C VAL A 264 -5.40 2.31 -6.69
N GLY A 265 -4.83 1.23 -6.17
CA GLY A 265 -4.16 0.24 -7.02
C GLY A 265 -5.13 -0.73 -7.74
N ALA A 266 -5.99 -1.39 -6.97
CA ALA A 266 -7.02 -2.29 -7.56
C ALA A 266 -8.08 -2.73 -6.53
N MET A 267 -9.05 -3.48 -7.03
CA MET A 267 -10.21 -3.84 -6.23
C MET A 267 -10.61 -5.30 -6.47
N GLU A 268 -10.94 -6.02 -5.40
CA GLU A 268 -11.12 -7.47 -5.49
C GLU A 268 -12.58 -7.93 -5.78
N ASN A 269 -13.34 -7.17 -6.58
CA ASN A 269 -14.73 -7.59 -6.89
C ASN A 269 -14.79 -9.04 -7.37
N LYS A 270 -15.71 -9.84 -6.82
CA LYS A 270 -15.71 -11.29 -7.02
C LYS A 270 -15.79 -11.65 -8.51
N GLY A 271 -14.81 -12.41 -8.98
CA GLY A 271 -14.70 -12.81 -10.37
C GLY A 271 -14.45 -11.69 -11.36
N LEU A 272 -14.32 -10.46 -10.87
CA LEU A 272 -14.16 -9.29 -11.73
C LEU A 272 -13.25 -8.25 -11.07
N ASN A 273 -11.97 -8.57 -10.97
CA ASN A 273 -11.03 -7.64 -10.33
C ASN A 273 -10.72 -6.46 -11.25
N ILE A 274 -10.77 -5.26 -10.68
CA ILE A 274 -10.62 -4.07 -11.49
C ILE A 274 -9.35 -3.34 -11.01
N PHE A 275 -8.52 -2.92 -11.95
CA PHE A 275 -7.17 -2.44 -11.67
C PHE A 275 -6.95 -1.03 -12.21
N ASN A 276 -6.26 -0.21 -11.43
CA ASN A 276 -5.51 0.90 -12.00
C ASN A 276 -4.64 0.33 -13.10
N ALA A 277 -4.71 0.92 -14.30
CA ALA A 277 -3.86 0.46 -15.40
C ALA A 277 -2.38 0.43 -14.97
N ASN A 278 -1.94 1.35 -14.11
CA ASN A 278 -0.51 1.30 -13.76
C ASN A 278 -0.15 0.08 -12.90
N SER A 279 -1.16 -0.67 -12.43
CA SER A 279 -0.91 -1.84 -11.60
C SER A 279 -1.32 -3.14 -12.29
N LEU A 280 -1.60 -3.08 -13.59
CA LEU A 280 -1.89 -4.29 -14.37
C LEU A 280 -1.11 -4.39 -15.69
N LEU A 281 -0.84 -3.25 -16.34
CA LEU A 281 -0.26 -3.23 -17.68
C LEU A 281 1.24 -2.93 -17.67
N ALA A 282 2.01 -3.72 -18.39
CA ALA A 282 3.42 -3.39 -18.59
C ALA A 282 3.93 -4.00 -19.90
N SER A 283 4.98 -3.40 -20.46
CA SER A 283 5.81 -4.04 -21.47
C SER A 283 7.26 -3.60 -21.24
N LYS A 284 8.22 -4.37 -21.71
CA LYS A 284 9.60 -4.02 -21.42
C LYS A 284 10.04 -2.73 -22.12
N LYS A 285 9.39 -2.38 -23.24
CA LYS A 285 9.74 -1.18 -23.98
C LYS A 285 9.14 0.06 -23.32
N ASN A 286 7.99 -0.13 -22.67
CA ASN A 286 7.16 1.00 -22.23
C ASN A 286 6.91 1.07 -20.72
N SER A 287 7.66 0.32 -19.91
CA SER A 287 7.46 0.37 -18.47
C SER A 287 8.83 0.36 -17.77
N ILE A 288 8.94 1.08 -16.66
CA ILE A 288 10.11 0.94 -15.81
C ILE A 288 10.05 -0.37 -15.03
N ASP A 289 11.20 -0.79 -14.53
CA ASP A 289 11.34 -2.08 -13.86
C ASP A 289 10.34 -2.27 -12.70
N PHE A 290 10.09 -1.20 -11.95
CA PHE A 290 9.19 -1.25 -10.81
C PHE A 290 7.81 -1.80 -11.17
N SER A 291 7.36 -1.58 -12.41
CA SER A 291 6.03 -2.08 -12.78
C SER A 291 5.88 -3.59 -12.59
N TYR A 292 6.98 -4.30 -12.79
CA TYR A 292 6.90 -5.76 -12.80
C TYR A 292 6.60 -6.33 -11.42
N ALA A 293 7.31 -5.88 -10.39
CA ALA A 293 6.97 -6.27 -9.02
C ALA A 293 5.62 -5.69 -8.61
N ARG A 294 5.30 -4.48 -9.07
CA ARG A 294 4.01 -3.88 -8.73
C ARG A 294 2.81 -4.74 -9.20
N ILE A 295 2.89 -5.20 -10.45
CA ILE A 295 1.81 -5.99 -11.05
C ILE A 295 1.74 -7.32 -10.33
N LEU A 296 2.91 -7.89 -10.04
CA LEU A 296 2.92 -9.17 -9.34
C LEU A 296 2.23 -9.02 -7.96
N THR A 297 2.56 -7.96 -7.20
CA THR A 297 1.96 -7.83 -5.87
CA THR A 297 1.95 -7.83 -5.86
C THR A 297 0.47 -7.52 -5.96
N VAL A 298 0.08 -6.67 -6.90
CA VAL A 298 -1.32 -6.24 -6.91
C VAL A 298 -2.25 -7.32 -7.48
N VAL A 299 -1.81 -7.98 -8.56
CA VAL A 299 -2.58 -9.12 -9.06
C VAL A 299 -2.66 -10.17 -7.95
N GLY A 300 -1.53 -10.45 -7.31
CA GLY A 300 -1.51 -11.43 -6.24
C GLY A 300 -2.46 -11.03 -5.13
N HIS A 301 -2.33 -9.79 -4.67
CA HIS A 301 -3.18 -9.23 -3.62
C HIS A 301 -4.69 -9.41 -3.92
N GLU A 302 -5.15 -8.98 -5.09
CA GLU A 302 -6.59 -9.13 -5.39
C GLU A 302 -6.99 -10.61 -5.44
N TYR A 303 -6.10 -11.47 -5.94
CA TYR A 303 -6.43 -12.90 -6.04
C TYR A 303 -6.60 -13.49 -4.63
N PHE A 304 -5.69 -13.15 -3.72
CA PHE A 304 -5.70 -13.72 -2.37
C PHE A 304 -6.92 -13.26 -1.59
N HIS A 305 -7.49 -12.12 -1.96
CA HIS A 305 -8.75 -11.68 -1.38
C HIS A 305 -9.89 -12.67 -1.63
N GLN A 306 -9.78 -13.53 -2.65
CA GLN A 306 -10.95 -14.39 -2.95
C GLN A 306 -11.30 -15.25 -1.70
N TYR A 307 -10.27 -15.67 -0.97
CA TYR A 307 -10.49 -16.25 0.36
C TYR A 307 -10.55 -15.22 1.49
N THR A 308 -9.49 -14.41 1.62
CA THR A 308 -9.42 -13.50 2.77
C THR A 308 -10.04 -12.15 2.42
N GLY A 309 -11.37 -12.12 2.45
CA GLY A 309 -12.14 -10.93 2.14
C GLY A 309 -13.45 -11.26 1.42
N ASN A 310 -13.38 -12.15 0.42
CA ASN A 310 -14.56 -12.47 -0.39
C ASN A 310 -15.33 -13.68 0.16
N ARG A 311 -14.70 -14.85 0.21
CA ARG A 311 -15.36 -16.02 0.79
C ARG A 311 -15.53 -15.89 2.30
N VAL A 312 -14.50 -15.37 2.96
CA VAL A 312 -14.61 -14.97 4.37
C VAL A 312 -14.60 -13.45 4.37
N THR A 313 -15.73 -12.85 4.73
CA THR A 313 -15.82 -11.39 4.57
C THR A 313 -15.92 -10.71 5.95
N LEU A 314 -16.25 -9.41 5.94
CA LEU A 314 -16.22 -8.59 7.16
C LEU A 314 -17.59 -8.39 7.78
N ARG A 315 -17.66 -8.46 9.10
CA ARG A 315 -18.91 -8.14 9.76
C ARG A 315 -19.27 -6.67 9.62
N ASP A 316 -18.23 -5.83 9.61
CA ASP A 316 -18.37 -4.38 9.64
C ASP A 316 -17.03 -3.79 9.24
N TRP A 317 -16.99 -2.50 8.95
CA TRP A 317 -15.77 -1.91 8.38
C TRP A 317 -14.65 -1.76 9.40
N PHE A 318 -14.97 -1.84 10.70
CA PHE A 318 -13.90 -1.76 11.70
C PHE A 318 -12.99 -2.98 11.62
N GLN A 319 -13.47 -4.05 10.99
CA GLN A 319 -12.66 -5.25 10.78
C GLN A 319 -11.80 -5.20 9.53
N LEU A 320 -11.67 -4.01 8.91
CA LEU A 320 -10.95 -3.89 7.64
C LEU A 320 -9.59 -4.61 7.61
N THR A 321 -8.81 -4.49 8.68
CA THR A 321 -7.46 -5.07 8.68
C THR A 321 -7.52 -6.60 8.64
N LEU A 322 -8.61 -7.18 9.12
CA LEU A 322 -8.78 -8.64 9.00
C LEU A 322 -8.69 -9.14 7.54
N LYS A 323 -9.21 -8.37 6.58
CA LYS A 323 -9.01 -8.77 5.18
C LYS A 323 -7.81 -8.05 4.55
N GLU A 324 -7.53 -6.79 4.91
CA GLU A 324 -6.40 -6.11 4.27
C GLU A 324 -5.02 -6.47 4.88
N GLY A 325 -4.90 -6.44 6.19
CA GLY A 325 -3.61 -6.82 6.78
C GLY A 325 -3.29 -8.26 6.42
N LEU A 326 -4.32 -9.13 6.45
CA LEU A 326 -4.09 -10.55 6.16
C LEU A 326 -3.76 -10.78 4.67
N THR A 327 -4.40 -10.02 3.79
CA THR A 327 -4.17 -10.21 2.36
C THR A 327 -2.81 -9.61 1.96
N VAL A 328 -2.42 -8.48 2.57
CA VAL A 328 -1.04 -7.96 2.37
C VAL A 328 0.01 -8.99 2.82
N HIS A 329 -0.24 -9.65 3.95
CA HIS A 329 0.68 -10.66 4.45
C HIS A 329 0.75 -11.83 3.47
N ARG A 330 -0.40 -12.27 2.95
CA ARG A 330 -0.39 -13.38 1.96
C ARG A 330 0.34 -12.95 0.69
N GLU A 331 0.11 -11.71 0.30
CA GLU A 331 0.82 -11.17 -0.86
C GLU A 331 2.32 -11.06 -0.62
N ASN A 332 2.74 -10.68 0.60
CA ASN A 332 4.19 -10.64 0.90
C ASN A 332 4.82 -12.03 0.85
N LEU A 333 4.16 -13.03 1.43
CA LEU A 333 4.66 -14.41 1.34
C LEU A 333 4.85 -14.81 -0.10
N PHE A 334 3.85 -14.46 -0.93
CA PHE A 334 3.83 -14.82 -2.35
C PHE A 334 5.00 -14.17 -3.10
N SER A 335 5.13 -12.87 -2.95
CA SER A 335 6.16 -12.13 -3.68
C SER A 335 7.56 -12.50 -3.22
N GLU A 336 7.72 -12.75 -1.93
CA GLU A 336 9.02 -13.25 -1.46
C GLU A 336 9.37 -14.59 -2.15
N GLU A 337 8.38 -15.46 -2.27
CA GLU A 337 8.64 -16.75 -2.90
C GLU A 337 8.87 -16.60 -4.43
N MET A 338 8.19 -15.65 -5.05
CA MET A 338 8.31 -15.49 -6.51
C MET A 338 9.60 -14.80 -6.92
N THR A 339 10.01 -13.78 -6.15
CA THR A 339 11.16 -12.96 -6.54
C THR A 339 12.47 -13.64 -6.13
N LYS A 340 12.43 -14.39 -5.04
CA LYS A 340 13.63 -14.97 -4.41
C LYS A 340 14.80 -13.98 -4.23
N THR A 341 14.47 -12.74 -3.87
CA THR A 341 15.48 -11.73 -3.58
C THR A 341 15.25 -11.25 -2.16
N VAL A 342 16.31 -10.99 -1.40
CA VAL A 342 16.10 -10.49 -0.02
C VAL A 342 15.52 -9.07 0.00
N THR A 343 15.67 -8.33 -1.10
CA THR A 343 15.18 -6.95 -1.11
C THR A 343 13.66 -6.84 -1.12
N THR A 344 12.97 -7.93 -1.43
CA THR A 344 11.52 -7.89 -1.35
C THR A 344 11.04 -7.63 0.09
N ARG A 345 11.54 -8.42 1.04
CA ARG A 345 11.19 -8.20 2.46
C ARG A 345 11.76 -6.86 2.93
N LEU A 346 12.99 -6.54 2.52
CA LEU A 346 13.60 -5.27 2.95
C LEU A 346 12.78 -4.09 2.47
N SER A 347 12.23 -4.20 1.26
CA SER A 347 11.46 -3.06 0.72
C SER A 347 10.19 -2.81 1.54
N HIS A 348 9.56 -3.87 2.02
CA HIS A 348 8.37 -3.76 2.88
CA HIS A 348 8.36 -3.71 2.85
C HIS A 348 8.70 -3.10 4.22
N VAL A 349 9.82 -3.51 4.80
CA VAL A 349 10.25 -2.96 6.08
C VAL A 349 10.59 -1.48 5.92
N ASP A 350 11.28 -1.17 4.82
CA ASP A 350 11.69 0.20 4.50
C ASP A 350 10.48 1.13 4.43
N LEU A 351 9.42 0.63 3.80
CA LEU A 351 8.16 1.36 3.73
C LEU A 351 7.50 1.49 5.09
N LEU A 352 7.41 0.38 5.84
CA LEU A 352 6.77 0.45 7.15
C LEU A 352 7.46 1.48 8.08
N ARG A 353 8.78 1.42 8.19
CA ARG A 353 9.48 2.20 9.20
C ARG A 353 9.62 3.65 8.76
N SER A 354 9.32 3.95 7.51
CA SER A 354 9.32 5.35 7.12
C SER A 354 7.87 5.86 7.17
N VAL A 355 7.06 5.43 6.22
CA VAL A 355 5.69 5.93 6.08
C VAL A 355 4.74 5.55 7.24
N GLN A 356 4.72 4.28 7.64
CA GLN A 356 3.76 3.90 8.67
C GLN A 356 4.23 4.38 10.06
N PHE A 357 5.54 4.37 10.34
CA PHE A 357 5.99 4.86 11.65
C PHE A 357 5.67 6.35 11.79
N LEU A 358 5.86 7.11 10.70
CA LEU A 358 5.47 8.51 10.69
C LEU A 358 3.98 8.69 11.04
N GLU A 359 3.13 7.93 10.37
CA GLU A 359 1.69 7.99 10.64
C GLU A 359 1.41 7.70 12.11
N ASP A 360 2.10 6.71 12.68
CA ASP A 360 1.81 6.26 14.02
C ASP A 360 2.35 7.20 15.08
N SER A 361 3.22 8.13 14.74
CA SER A 361 3.63 9.12 15.74
C SER A 361 3.04 10.51 15.40
N SER A 362 2.15 10.54 14.41
CA SER A 362 1.44 11.76 13.99
C SER A 362 0.11 11.89 14.73
N PRO A 363 -0.54 13.06 14.61
CA PRO A 363 -1.88 13.20 15.21
C PRO A 363 -2.92 12.23 14.66
N LEU A 364 -2.63 11.62 13.51
CA LEU A 364 -3.54 10.68 12.88
C LEU A 364 -3.41 9.26 13.39
N SER A 365 -2.46 9.03 14.29
CA SER A 365 -2.21 7.68 14.82
C SER A 365 -3.49 6.95 15.26
N HIS A 366 -3.60 5.69 14.82
CA HIS A 366 -4.73 4.86 15.17
C HIS A 366 -4.24 3.42 15.29
N PRO A 367 -5.00 2.57 15.98
CA PRO A 367 -4.64 1.15 15.95
C PRO A 367 -5.10 0.51 14.64
N ILE A 368 -4.69 -0.73 14.39
CA ILE A 368 -5.03 -1.35 13.12
C ILE A 368 -6.53 -1.66 13.07
N ARG A 369 -7.17 -1.69 14.25
CA ARG A 369 -8.64 -1.70 14.29
C ARG A 369 -9.14 -0.49 15.05
N PRO A 370 -9.45 0.60 14.33
CA PRO A 370 -9.86 1.83 15.01
C PRO A 370 -11.18 1.67 15.77
N GLU A 371 -11.43 2.61 16.67
CA GLU A 371 -12.60 2.61 17.52
C GLU A 371 -13.73 3.41 16.90
N SER A 372 -13.39 4.25 15.91
CA SER A 372 -14.38 5.12 15.28
C SER A 372 -13.92 5.57 13.89
N TYR A 373 -14.88 6.05 13.11
CA TYR A 373 -14.56 6.75 11.87
C TYR A 373 -15.69 7.70 11.48
N VAL A 374 -15.34 8.67 10.65
CA VAL A 374 -16.31 9.55 10.02
C VAL A 374 -16.33 9.25 8.52
N SER A 375 -15.13 9.10 7.97
CA SER A 375 -14.98 8.89 6.54
C SER A 375 -14.38 7.53 6.27
N MET A 376 -15.12 6.63 5.61
CA MET A 376 -14.50 5.36 5.20
C MET A 376 -13.43 5.57 4.14
N GLU A 377 -13.58 6.61 3.31
CA GLU A 377 -12.67 6.79 2.20
C GLU A 377 -11.28 7.20 2.70
N ASN A 378 -11.20 7.59 3.97
CA ASN A 378 -9.92 7.94 4.60
C ASN A 378 -9.36 6.83 5.51
N PHE A 379 -10.10 5.73 5.59
CA PHE A 379 -9.81 4.62 6.51
C PHE A 379 -8.72 3.66 6.00
N TYR A 380 -8.44 3.73 4.69
CA TYR A 380 -7.58 2.72 4.03
C TYR A 380 -6.12 3.16 4.15
N THR A 381 -5.53 2.91 5.32
CA THR A 381 -4.25 3.54 5.70
C THR A 381 -3.09 2.56 5.73
N THR A 382 -1.89 3.10 5.66
CA THR A 382 -0.71 2.27 5.82
C THR A 382 -0.74 1.57 7.17
N THR A 383 -1.38 2.16 8.18
CA THR A 383 -1.45 1.47 9.46
C THR A 383 -2.31 0.21 9.30
N VAL A 384 -3.53 0.37 8.79
CA VAL A 384 -4.43 -0.79 8.62
C VAL A 384 -3.84 -1.85 7.70
N TYR A 385 -3.16 -1.42 6.62
CA TYR A 385 -2.59 -2.34 5.63
C TYR A 385 -1.25 -2.93 6.07
N ASP A 386 -0.28 -2.07 6.35
CA ASP A 386 1.12 -2.52 6.46
C ASP A 386 1.46 -2.89 7.89
N LYS A 387 1.03 -2.09 8.87
CA LYS A 387 1.20 -2.59 10.24
C LYS A 387 0.26 -3.79 10.43
N GLY A 388 -0.94 -3.74 9.84
CA GLY A 388 -1.82 -4.92 9.82
C GLY A 388 -1.11 -6.18 9.31
N SER A 389 -0.39 -6.05 8.21
N SER A 389 -0.40 -6.05 8.21
CA SER A 389 0.33 -7.20 7.66
CA SER A 389 0.32 -7.19 7.66
C SER A 389 1.42 -7.72 8.60
C SER A 389 1.41 -7.71 8.61
N GLU A 390 2.09 -6.80 9.30
CA GLU A 390 3.17 -7.20 10.22
C GLU A 390 2.56 -7.92 11.42
N VAL A 391 1.37 -7.48 11.81
CA VAL A 391 0.67 -8.18 12.90
C VAL A 391 0.21 -9.56 12.43
N MET A 392 -0.20 -9.67 11.16
CA MET A 392 -0.62 -10.97 10.67
C MET A 392 0.60 -11.89 10.51
N ARG A 393 1.71 -11.30 10.07
CA ARG A 393 2.96 -12.06 9.93
C ARG A 393 3.55 -12.54 11.27
N MET A 394 3.35 -11.78 12.35
CA MET A 394 3.86 -12.23 13.65
C MET A 394 3.24 -13.56 14.09
N TYR A 395 1.99 -13.83 13.71
CA TYR A 395 1.41 -15.13 14.00
C TYR A 395 2.25 -16.26 13.41
N LEU A 396 2.71 -16.05 12.17
CA LEU A 396 3.55 -17.03 11.50
C LEU A 396 4.91 -17.20 12.20
N THR A 397 5.52 -16.10 12.57
CA THR A 397 6.78 -16.13 13.33
C THR A 397 6.63 -16.89 14.68
N ILE A 398 5.55 -16.61 15.39
CA ILE A 398 5.27 -17.24 16.69
C ILE A 398 4.98 -18.73 16.55
N LEU A 399 4.15 -19.09 15.57
CA LEU A 399 3.70 -20.48 15.44
C LEU A 399 4.65 -21.37 14.64
N GLY A 400 5.44 -20.78 13.74
CA GLY A 400 6.14 -21.58 12.75
C GLY A 400 5.21 -21.99 11.62
N GLU A 401 5.79 -22.37 10.50
CA GLU A 401 5.02 -22.63 9.28
C GLU A 401 3.98 -23.72 9.44
N GLU A 402 4.33 -24.81 10.11
CA GLU A 402 3.40 -25.94 10.18
C GLU A 402 2.15 -25.59 10.97
N TYR A 403 2.34 -25.05 12.17
CA TYR A 403 1.18 -24.69 12.99
C TYR A 403 0.51 -23.43 12.47
N TYR A 404 1.25 -22.55 11.80
CA TYR A 404 0.58 -21.39 11.20
C TYR A 404 -0.41 -21.88 10.12
N LYS A 405 0.03 -22.81 9.28
CA LYS A 405 -0.83 -23.35 8.23
C LYS A 405 -2.04 -24.05 8.83
N LYS A 406 -1.83 -24.74 9.95
CA LYS A 406 -2.94 -25.41 10.64
C LYS A 406 -3.92 -24.38 11.17
N GLY A 407 -3.42 -23.33 11.81
CA GLY A 407 -4.28 -22.28 12.31
C GLY A 407 -5.05 -21.56 11.22
N PHE A 408 -4.34 -21.25 10.13
CA PHE A 408 -4.98 -20.56 9.00
C PHE A 408 -6.12 -21.41 8.41
N ASP A 409 -5.88 -22.70 8.28
CA ASP A 409 -6.94 -23.54 7.72
C ASP A 409 -8.15 -23.67 8.64
N ILE A 410 -7.90 -23.65 9.95
CA ILE A 410 -9.00 -23.58 10.92
C ILE A 410 -9.83 -22.32 10.68
N TYR A 411 -9.16 -21.19 10.47
CA TYR A 411 -9.85 -19.93 10.20
C TYR A 411 -10.73 -20.01 8.94
N ILE A 412 -10.18 -20.60 7.88
CA ILE A 412 -10.92 -20.69 6.64
C ILE A 412 -12.11 -21.65 6.76
N LYS A 413 -11.86 -22.85 7.27
CA LYS A 413 -12.91 -23.85 7.34
C LYS A 413 -14.05 -23.40 8.26
N LYS A 414 -13.70 -22.70 9.34
CA LYS A 414 -14.73 -22.31 10.29
C LYS A 414 -15.55 -21.11 9.78
N ASN A 415 -14.96 -20.26 8.94
CA ASN A 415 -15.64 -19.02 8.59
C ASN A 415 -15.98 -18.87 7.11
N ASP A 416 -15.68 -19.90 6.31
CA ASP A 416 -15.97 -19.90 4.87
C ASP A 416 -17.45 -19.63 4.64
N GLY A 417 -17.76 -18.62 3.83
CA GLY A 417 -19.15 -18.32 3.49
C GLY A 417 -19.82 -17.32 4.41
N ASN A 418 -19.07 -16.86 5.41
CA ASN A 418 -19.61 -15.98 6.45
C ASN A 418 -18.86 -14.66 6.60
N THR A 419 -19.46 -13.75 7.38
CA THR A 419 -18.76 -12.56 7.89
C THR A 419 -17.86 -12.99 9.05
N ALA A 420 -16.83 -12.21 9.34
CA ALA A 420 -15.96 -12.50 10.48
C ALA A 420 -15.37 -11.20 11.08
N THR A 421 -14.78 -11.33 12.25
CA THR A 421 -14.17 -10.23 13.00
C THR A 421 -12.72 -10.59 13.29
N CYS A 422 -11.94 -9.62 13.78
CA CYS A 422 -10.54 -9.89 14.16
C CYS A 422 -10.41 -10.97 15.21
N GLU A 423 -11.36 -11.04 16.14
CA GLU A 423 -11.37 -12.10 17.14
C GLU A 423 -11.43 -13.52 16.56
N ASP A 424 -12.17 -13.69 15.45
CA ASP A 424 -12.29 -15.02 14.84
C ASP A 424 -10.92 -15.50 14.39
N PHE A 425 -10.14 -14.59 13.81
CA PHE A 425 -8.78 -14.96 13.39
C PHE A 425 -7.89 -15.26 14.56
N ASN A 426 -7.90 -14.39 15.57
CA ASN A 426 -7.08 -14.64 16.76
C ASN A 426 -7.46 -15.97 17.39
N TYR A 427 -8.76 -16.28 17.39
CA TYR A 427 -9.23 -17.53 17.97
C TYR A 427 -8.63 -18.75 17.26
N ALA A 428 -8.65 -18.72 15.93
CA ALA A 428 -8.08 -19.78 15.12
C ALA A 428 -6.56 -19.94 15.34
N MET A 429 -5.86 -18.82 15.45
CA MET A 429 -4.42 -18.83 15.73
C MET A 429 -4.19 -19.41 17.11
N GLU A 430 -5.09 -19.10 18.03
CA GLU A 430 -4.92 -19.53 19.40
C GLU A 430 -5.04 -21.06 19.48
N GLN A 431 -5.94 -21.64 18.69
CA GLN A 431 -6.10 -23.09 18.66
CA GLN A 431 -6.09 -23.09 18.70
C GLN A 431 -4.80 -23.74 18.25
N ALA A 432 -4.17 -23.17 17.22
CA ALA A 432 -2.84 -23.65 16.80
C ALA A 432 -1.81 -23.44 17.89
N TYR A 433 -1.90 -22.32 18.60
CA TYR A 433 -0.95 -22.03 19.67
C TYR A 433 -1.02 -23.11 20.76
N LYS A 434 -2.24 -23.45 21.17
CA LYS A 434 -2.45 -24.49 22.17
C LYS A 434 -1.78 -25.80 21.72
N MET A 435 -1.92 -26.12 20.45
CA MET A 435 -1.34 -27.35 19.90
C MET A 435 0.18 -27.29 19.90
N LYS A 436 0.73 -26.18 19.44
CA LYS A 436 2.17 -26.00 19.40
C LYS A 436 2.77 -26.04 20.82
N LYS A 437 2.10 -25.43 21.79
CA LYS A 437 2.63 -25.33 23.14
C LYS A 437 2.28 -26.57 23.98
N ALA A 438 1.45 -27.43 23.40
CA ALA A 438 0.98 -28.62 24.08
C ALA A 438 0.41 -28.31 25.47
N ASP A 439 -0.45 -27.31 25.56
CA ASP A 439 -1.42 -27.25 26.67
C ASP A 439 -2.57 -26.31 26.35
N ASN A 440 -3.78 -26.83 26.49
CA ASN A 440 -5.00 -26.09 26.18
C ASN A 440 -5.23 -24.91 27.14
N SER A 441 -4.29 -24.69 28.05
CA SER A 441 -4.35 -23.54 28.93
C SER A 441 -3.68 -22.32 28.29
N ALA A 442 -2.87 -22.55 27.26
CA ALA A 442 -2.16 -21.47 26.59
C ALA A 442 -3.16 -20.61 25.84
N ASN A 443 -2.92 -19.29 25.80
CA ASN A 443 -3.84 -18.42 25.09
C ASN A 443 -3.14 -17.22 24.49
N LEU A 444 -3.87 -16.55 23.60
CA LEU A 444 -3.38 -15.38 22.89
C LEU A 444 -4.20 -14.15 23.21
N ASN A 445 -4.78 -14.12 24.41
N ASN A 445 -4.80 -14.13 24.41
CA ASN A 445 -5.59 -12.96 24.81
CA ASN A 445 -5.57 -12.97 24.83
C ASN A 445 -4.77 -11.67 24.78
C ASN A 445 -4.77 -11.68 24.76
N GLN A 446 -3.49 -11.75 25.17
CA GLN A 446 -2.64 -10.56 25.13
C GLN A 446 -2.40 -10.10 23.70
N TYR A 447 -2.44 -11.04 22.76
CA TYR A 447 -2.15 -10.72 21.37
C TYR A 447 -3.13 -9.69 20.82
N LEU A 448 -4.37 -9.71 21.30
CA LEU A 448 -5.40 -8.80 20.85
C LEU A 448 -5.02 -7.33 21.02
N LEU A 449 -4.10 -7.04 21.93
CA LEU A 449 -3.67 -5.66 22.10
C LEU A 449 -3.03 -5.10 20.82
N TRP A 450 -2.45 -5.97 20.01
CA TRP A 450 -1.96 -5.53 18.71
C TRP A 450 -3.07 -4.93 17.82
N PHE A 451 -4.33 -5.34 18.05
CA PHE A 451 -5.44 -4.78 17.25
C PHE A 451 -5.94 -3.46 17.80
N SER A 452 -5.81 -3.26 19.11
CA SER A 452 -6.45 -2.09 19.76
C SER A 452 -5.49 -0.99 20.20
N GLN A 453 -4.21 -1.32 20.37
CA GLN A 453 -3.28 -0.33 20.89
C GLN A 453 -2.57 0.40 19.75
N SER A 454 -2.63 1.73 19.71
CA SER A 454 -1.90 2.49 18.68
C SER A 454 -0.46 2.81 19.09
N GLY A 455 0.34 3.30 18.14
CA GLY A 455 1.71 3.68 18.44
C GLY A 455 2.70 2.56 18.20
N THR A 456 3.95 2.94 17.98
CA THR A 456 5.02 2.00 17.73
C THR A 456 5.76 1.69 19.02
N PRO A 457 5.81 0.40 19.39
CA PRO A 457 6.61 0.05 20.56
C PRO A 457 8.09 0.30 20.33
N HIS A 458 8.77 0.71 21.40
CA HIS A 458 10.23 0.81 21.44
C HIS A 458 10.81 -0.39 22.21
N VAL A 459 11.71 -1.14 21.58
CA VAL A 459 12.31 -2.28 22.26
C VAL A 459 13.82 -2.05 22.41
N SER A 460 14.33 -2.15 23.65
CA SER A 460 15.71 -1.80 23.92
C SER A 460 16.38 -2.93 24.68
N PHE A 461 17.72 -2.96 24.62
CA PHE A 461 18.48 -4.12 25.09
C PHE A 461 19.67 -3.75 25.95
N LYS A 462 19.99 -4.62 26.91
CA LYS A 462 21.28 -4.60 27.59
C LYS A 462 21.80 -6.04 27.65
N TYR A 463 23.12 -6.21 27.69
CA TYR A 463 23.71 -7.53 27.60
C TYR A 463 24.67 -7.82 28.74
N ASN A 464 24.87 -9.09 29.03
CA ASN A 464 25.87 -9.47 30.00
C ASN A 464 26.50 -10.78 29.58
N TYR A 465 27.80 -10.89 29.73
CA TYR A 465 28.49 -12.12 29.42
C TYR A 465 29.42 -12.46 30.55
N ASP A 466 29.29 -13.68 31.06
CA ASP A 466 30.23 -14.17 32.06
C ASP A 466 31.13 -15.21 31.41
N ALA A 467 32.39 -14.84 31.19
CA ALA A 467 33.32 -15.67 30.43
C ALA A 467 33.59 -16.99 31.13
N GLU A 468 33.65 -16.96 32.46
CA GLU A 468 33.85 -18.17 33.25
C GLU A 468 32.66 -19.11 33.19
N LYS A 469 31.46 -18.57 33.36
CA LYS A 469 30.23 -19.37 33.35
C LYS A 469 29.76 -19.77 31.94
N LYS A 470 30.32 -19.12 30.92
CA LYS A 470 29.88 -19.33 29.54
C LYS A 470 28.39 -19.03 29.44
N GLN A 471 27.98 -17.97 30.12
CA GLN A 471 26.57 -17.62 30.27
C GLN A 471 26.30 -16.23 29.74
N TYR A 472 25.36 -16.14 28.82
CA TYR A 472 25.06 -14.89 28.12
C TYR A 472 23.65 -14.48 28.46
N SER A 473 23.45 -13.18 28.69
CA SER A 473 22.12 -12.67 29.02
C SER A 473 21.74 -11.51 28.13
N ILE A 474 20.48 -11.55 27.67
CA ILE A 474 19.90 -10.45 26.93
C ILE A 474 18.77 -9.85 27.74
N HIS A 475 18.95 -8.63 28.24
CA HIS A 475 17.86 -7.97 28.95
CA HIS A 475 17.91 -7.92 28.96
C HIS A 475 17.11 -7.08 27.98
N VAL A 476 15.79 -7.28 27.94
CA VAL A 476 14.94 -6.61 26.96
C VAL A 476 13.90 -5.77 27.67
N ASN A 477 13.64 -4.59 27.14
CA ASN A 477 12.59 -3.73 27.67
C ASN A 477 11.67 -3.29 26.52
N GLN A 478 10.36 -3.18 26.76
CA GLN A 478 9.46 -2.56 25.78
C GLN A 478 8.70 -1.39 26.38
N TYR A 479 8.41 -0.41 25.54
CA TYR A 479 7.75 0.80 25.96
C TYR A 479 6.98 1.36 24.76
N THR A 480 5.71 1.69 24.95
CA THR A 480 5.00 2.43 23.91
C THR A 480 4.61 3.80 24.49
N LYS A 481 4.86 4.87 23.73
CA LYS A 481 4.54 6.21 24.24
C LYS A 481 3.03 6.39 24.30
N PRO A 482 2.55 6.93 25.42
CA PRO A 482 1.12 7.28 25.56
C PRO A 482 0.72 8.22 24.42
N ASP A 483 -0.52 8.13 23.95
CA ASP A 483 -0.97 9.05 22.90
C ASP A 483 -2.45 9.38 23.12
N GLU A 484 -3.14 9.83 22.08
CA GLU A 484 -4.54 10.20 22.25
C GLU A 484 -5.46 9.00 22.43
N ASN A 485 -4.99 7.83 22.03
CA ASN A 485 -5.85 6.64 22.05
C ASN A 485 -5.75 5.83 23.34
N GLN A 486 -4.56 5.74 23.93
CA GLN A 486 -4.41 5.17 25.28
C GLN A 486 -3.46 6.03 26.11
N LYS A 487 -3.92 6.46 27.29
CA LYS A 487 -3.06 7.17 28.23
C LYS A 487 -2.03 6.21 28.82
N GLU A 488 -2.46 5.00 29.11
CA GLU A 488 -1.58 3.96 29.63
C GLU A 488 -1.45 2.87 28.59
N LYS A 489 -0.23 2.58 28.18
CA LYS A 489 -0.01 1.55 27.16
C LYS A 489 0.35 0.27 27.88
N LYS A 490 -0.10 -0.87 27.37
CA LYS A 490 0.15 -2.15 28.03
C LYS A 490 1.26 -2.86 27.27
N PRO A 491 2.01 -3.74 27.96
CA PRO A 491 3.01 -4.50 27.20
C PRO A 491 2.35 -5.45 26.19
N LEU A 492 2.97 -5.61 25.02
CA LEU A 492 2.46 -6.47 23.97
C LEU A 492 3.17 -7.82 23.96
N PHE A 493 2.63 -8.77 23.19
CA PHE A 493 3.27 -10.05 22.96
C PHE A 493 4.21 -9.78 21.78
N ILE A 494 5.51 -9.63 22.06
CA ILE A 494 6.50 -9.29 21.04
C ILE A 494 7.43 -10.47 20.79
N PRO A 495 7.38 -11.07 19.57
CA PRO A 495 8.29 -12.15 19.24
C PRO A 495 9.62 -11.62 18.70
N ILE A 496 10.71 -12.06 19.30
CA ILE A 496 12.02 -11.55 18.94
C ILE A 496 12.87 -12.66 18.39
N SER A 497 12.94 -12.70 17.06
CA SER A 497 13.73 -13.72 16.38
C SER A 497 15.19 -13.33 16.53
N VAL A 498 15.99 -14.25 17.07
CA VAL A 498 17.37 -13.90 17.43
C VAL A 498 18.37 -14.95 17.00
N GLY A 499 19.57 -14.49 16.69
CA GLY A 499 20.70 -15.36 16.52
C GLY A 499 21.85 -14.81 17.37
N LEU A 500 22.84 -15.65 17.64
CA LEU A 500 24.05 -15.17 18.32
C LEU A 500 25.24 -15.44 17.43
N ILE A 501 25.94 -14.38 17.02
CA ILE A 501 27.07 -14.53 16.10
C ILE A 501 28.39 -14.59 16.85
N ASN A 502 29.22 -15.58 16.53
CA ASN A 502 30.60 -15.66 17.05
C ASN A 502 31.47 -14.63 16.34
N PRO A 503 31.96 -13.62 17.06
CA PRO A 503 32.68 -12.57 16.33
C PRO A 503 34.02 -13.03 15.77
N GLU A 504 34.52 -14.19 16.16
CA GLU A 504 35.82 -14.62 15.66
C GLU A 504 35.73 -15.33 14.31
N ASN A 505 34.62 -16.01 14.05
CA ASN A 505 34.48 -16.74 12.78
C ASN A 505 33.17 -16.48 12.06
N GLY A 506 32.33 -15.64 12.66
CA GLY A 506 31.07 -15.26 12.06
C GLY A 506 30.00 -16.34 12.03
N LYS A 507 30.19 -17.40 12.79
CA LYS A 507 29.22 -18.51 12.75
C LYS A 507 28.07 -18.36 13.76
N GLU A 508 26.95 -19.03 13.48
CA GLU A 508 25.82 -19.10 14.39
C GLU A 508 26.20 -19.84 15.66
N MET A 509 25.81 -19.32 16.81
CA MET A 509 26.15 -19.99 18.05
C MET A 509 24.96 -20.74 18.66
N ILE A 510 23.76 -20.40 18.27
CA ILE A 510 22.59 -21.16 18.71
C ILE A 510 21.67 -21.49 17.54
N SER A 511 20.76 -22.44 17.74
CA SER A 511 19.74 -22.77 16.74
C SER A 511 18.72 -21.66 16.65
N GLN A 512 17.82 -21.76 15.67
CA GLN A 512 16.76 -20.75 15.51
C GLN A 512 16.01 -20.56 16.82
N THR A 513 15.83 -19.30 17.20
CA THR A 513 15.26 -19.00 18.51
C THR A 513 14.41 -17.77 18.41
N THR A 514 13.17 -17.86 18.89
CA THR A 514 12.26 -16.72 18.95
C THR A 514 11.91 -16.45 20.39
N LEU A 515 12.46 -15.38 20.93
CA LEU A 515 12.14 -14.96 22.29
C LEU A 515 10.70 -14.45 22.34
N GLU A 516 9.93 -14.92 23.30
CA GLU A 516 8.56 -14.41 23.46
C GLU A 516 8.54 -13.37 24.58
N LEU A 517 8.63 -12.09 24.22
CA LEU A 517 8.63 -11.06 25.24
C LEU A 517 7.17 -10.70 25.52
N THR A 518 6.70 -10.96 26.74
CA THR A 518 5.30 -10.69 27.05
C THR A 518 5.14 -9.72 28.23
N LYS A 519 6.24 -9.30 28.82
CA LYS A 519 6.16 -8.37 29.93
C LYS A 519 6.80 -7.04 29.53
N GLU A 520 6.75 -6.08 30.44
CA GLU A 520 7.38 -4.80 30.19
C GLU A 520 8.88 -5.02 30.02
N SER A 521 9.42 -6.00 30.76
CA SER A 521 10.80 -6.38 30.61
C SER A 521 11.03 -7.83 30.99
N ASP A 522 12.09 -8.41 30.45
CA ASP A 522 12.47 -9.78 30.78
C ASP A 522 13.97 -9.95 30.54
N THR A 523 14.54 -10.96 31.16
CA THR A 523 15.92 -11.29 30.93
C THR A 523 15.98 -12.72 30.36
N PHE A 524 16.58 -12.86 29.18
CA PHE A 524 16.75 -14.16 28.51
C PHE A 524 18.19 -14.61 28.63
N VAL A 525 18.40 -15.78 29.22
CA VAL A 525 19.74 -16.26 29.55
C VAL A 525 20.08 -17.49 28.73
N PHE A 526 21.33 -17.55 28.27
CA PHE A 526 21.81 -18.66 27.45
C PHE A 526 23.05 -19.23 28.06
N ASN A 527 23.04 -20.54 28.29
CA ASN A 527 24.20 -21.25 28.81
C ASN A 527 25.05 -21.85 27.70
N ASN A 528 26.24 -22.30 28.06
CA ASN A 528 27.15 -22.95 27.13
C ASN A 528 27.40 -22.06 25.91
N ILE A 529 27.56 -20.77 26.17
CA ILE A 529 27.95 -19.78 25.17
C ILE A 529 29.46 -19.56 25.32
N ALA A 530 30.24 -20.10 24.39
CA ALA A 530 31.67 -20.32 24.61
C ALA A 530 32.48 -19.04 24.58
N VAL A 531 31.93 -18.02 23.94
CA VAL A 531 32.63 -16.77 23.75
C VAL A 531 31.58 -15.68 23.72
N LYS A 532 31.96 -14.44 24.02
CA LYS A 532 30.99 -13.34 24.00
C LYS A 532 30.47 -13.10 22.60
N PRO A 533 29.15 -13.25 22.41
CA PRO A 533 28.60 -13.13 21.05
C PRO A 533 28.27 -11.71 20.66
N ILE A 534 28.01 -11.51 19.37
CA ILE A 534 27.28 -10.32 18.95
C ILE A 534 25.85 -10.77 18.65
N PRO A 535 24.87 -10.18 19.33
CA PRO A 535 23.49 -10.61 19.09
C PRO A 535 22.89 -10.07 17.77
N SER A 536 22.18 -10.96 17.09
CA SER A 536 21.48 -10.67 15.85
C SER A 536 19.98 -10.60 16.21
N LEU A 537 19.45 -9.39 16.33
CA LEU A 537 18.16 -9.18 16.96
C LEU A 537 17.03 -8.81 15.99
N PHE A 538 15.84 -9.36 16.22
CA PHE A 538 14.68 -9.17 15.35
C PHE A 538 14.97 -9.59 13.91
N ARG A 539 15.58 -10.77 13.72
CA ARG A 539 15.82 -11.29 12.40
C ARG A 539 14.53 -11.32 11.56
N GLY A 540 14.64 -10.90 10.30
CA GLY A 540 13.51 -10.77 9.39
C GLY A 540 12.58 -9.61 9.73
N PHE A 541 13.01 -8.76 10.66
CA PHE A 541 12.19 -7.70 11.28
C PHE A 541 10.96 -8.35 11.92
N SER A 542 11.14 -9.01 13.05
CA SER A 542 10.14 -9.96 13.53
C SER A 542 9.02 -9.31 14.34
N ALA A 543 9.09 -8.01 14.55
CA ALA A 543 7.97 -7.28 15.13
C ALA A 543 8.04 -5.82 14.68
N PRO A 544 6.88 -5.16 14.57
CA PRO A 544 6.87 -3.80 14.03
C PRO A 544 7.20 -2.80 15.12
N VAL A 545 8.49 -2.64 15.42
CA VAL A 545 8.90 -1.87 16.58
C VAL A 545 10.12 -1.01 16.21
N TYR A 546 10.35 0.04 16.99
CA TYR A 546 11.65 0.72 17.03
C TYR A 546 12.68 -0.15 17.73
N ILE A 547 13.72 -0.58 17.02
CA ILE A 547 14.75 -1.41 17.64
C ILE A 547 15.90 -0.54 18.14
N GLU A 548 16.20 -0.63 19.43
CA GLU A 548 17.39 0.04 19.95
C GLU A 548 18.41 -1.04 20.40
N ASP A 549 19.36 -1.35 19.51
CA ASP A 549 20.17 -2.57 19.69
C ASP A 549 21.31 -2.35 20.71
N GLN A 550 21.60 -1.09 21.01
CA GLN A 550 22.64 -0.73 21.97
C GLN A 550 24.00 -1.37 21.62
N LEU A 551 24.23 -1.60 20.33
CA LEU A 551 25.51 -2.15 19.89
C LEU A 551 26.46 -1.04 19.49
N THR A 552 27.76 -1.30 19.54
CA THR A 552 28.72 -0.32 19.07
C THR A 552 28.78 -0.37 17.56
N ASP A 553 29.43 0.63 16.95
CA ASP A 553 29.51 0.60 15.49
C ASP A 553 30.41 -0.55 15.02
N GLU A 554 31.42 -0.89 15.82
CA GLU A 554 32.26 -2.07 15.53
C GLU A 554 31.44 -3.37 15.48
N GLU A 555 30.55 -3.56 16.45
CA GLU A 555 29.65 -4.73 16.45
C GLU A 555 28.70 -4.69 15.27
N ARG A 556 28.19 -3.52 14.97
CA ARG A 556 27.23 -3.39 13.88
C ARG A 556 27.93 -3.70 12.56
N ILE A 557 29.18 -3.24 12.41
CA ILE A 557 29.94 -3.53 11.20
C ILE A 557 30.18 -5.03 11.05
N LEU A 558 30.47 -5.69 12.16
CA LEU A 558 30.68 -7.13 12.10
C LEU A 558 29.40 -7.83 11.60
N LEU A 559 28.23 -7.39 12.06
CA LEU A 559 26.98 -8.01 11.65
C LEU A 559 26.72 -7.70 10.18
N LEU A 560 26.93 -6.45 9.81
CA LEU A 560 26.78 -6.04 8.41
C LEU A 560 27.62 -6.93 7.48
N LYS A 561 28.82 -7.28 7.90
CA LYS A 561 29.67 -8.12 7.05
C LYS A 561 29.32 -9.61 7.14
N TYR A 562 29.07 -10.11 8.35
CA TYR A 562 29.06 -11.55 8.58
C TYR A 562 27.77 -12.23 9.06
N ASP A 563 26.76 -11.45 9.44
CA ASP A 563 25.52 -12.05 9.93
C ASP A 563 24.81 -12.77 8.76
N SER A 564 23.95 -13.71 9.11
CA SER A 564 23.25 -14.51 8.12
C SER A 564 21.91 -13.88 7.71
N ASP A 565 21.39 -12.96 8.53
CA ASP A 565 20.05 -12.42 8.28
C ASP A 565 20.10 -11.08 7.55
N ALA A 566 19.42 -11.00 6.40
CA ALA A 566 19.49 -9.80 5.56
C ALA A 566 18.94 -8.59 6.30
N PHE A 567 17.83 -8.75 7.01
CA PHE A 567 17.30 -7.58 7.69
C PHE A 567 18.28 -7.07 8.75
N VAL A 568 18.83 -7.96 9.59
CA VAL A 568 19.73 -7.47 10.64
C VAL A 568 20.97 -6.81 10.02
N ARG A 569 21.46 -7.35 8.90
CA ARG A 569 22.61 -6.69 8.25
C ARG A 569 22.19 -5.28 7.80
N TYR A 570 21.04 -5.20 7.10
CA TYR A 570 20.48 -3.94 6.63
C TYR A 570 20.21 -2.96 7.77
N ASN A 571 19.66 -3.47 8.89
CA ASN A 571 19.38 -2.63 10.04
C ASN A 571 20.65 -2.16 10.75
N SER A 572 21.65 -3.02 10.80
CA SER A 572 22.90 -2.63 11.41
C SER A 572 23.51 -1.45 10.65
N CYS A 573 23.48 -1.52 9.32
CA CYS A 573 23.90 -0.40 8.47
C CYS A 573 23.05 0.86 8.69
N THR A 574 21.74 0.68 8.71
CA THR A 574 20.82 1.78 9.02
C THR A 574 21.17 2.48 10.34
N ASN A 575 21.48 1.68 11.37
CA ASN A 575 21.77 2.20 12.70
C ASN A 575 23.12 2.98 12.72
N ILE A 576 24.11 2.46 12.01
CA ILE A 576 25.37 3.21 11.82
C ILE A 576 25.10 4.55 11.14
N TYR A 577 24.34 4.52 10.05
CA TYR A 577 23.95 5.76 9.37
C TYR A 577 23.24 6.70 10.31
N MET A 578 22.26 6.19 11.06
CA MET A 578 21.53 7.11 11.96
C MET A 578 22.39 7.76 13.04
N LYS A 579 23.30 7.03 13.67
CA LYS A 579 24.18 7.62 14.67
C LYS A 579 24.98 8.77 14.04
N GLN A 580 25.50 8.54 12.84
CA GLN A 580 26.20 9.58 12.09
C GLN A 580 25.30 10.77 11.76
N ILE A 581 24.11 10.49 11.22
CA ILE A 581 23.18 11.55 10.84
C ILE A 581 22.82 12.45 12.04
N LEU A 582 22.45 11.83 13.16
CA LEU A 582 22.09 12.61 14.36
C LEU A 582 23.27 13.44 14.85
N MET A 583 24.48 12.89 14.82
CA MET A 583 25.66 13.62 15.28
CA MET A 583 25.65 13.63 15.29
C MET A 583 25.94 14.83 14.39
N ASN A 584 26.04 14.60 13.08
CA ASN A 584 26.31 15.69 12.12
C ASN A 584 25.18 16.70 12.10
N TYR A 585 23.94 16.23 12.20
CA TYR A 585 22.80 17.15 12.25
C TYR A 585 22.96 18.14 13.42
N ASN A 586 23.26 17.65 14.61
CA ASN A 586 23.40 18.50 15.78
CA ASN A 586 23.35 18.55 15.73
C ASN A 586 24.56 19.49 15.61
N GLU A 587 25.64 19.01 15.00
CA GLU A 587 26.81 19.88 14.77
C GLU A 587 26.47 21.02 13.80
N PHE A 588 25.84 20.70 12.67
CA PHE A 588 25.33 21.71 11.73
C PHE A 588 24.30 22.66 12.38
N LEU A 589 23.36 22.09 13.15
CA LEU A 589 22.33 22.90 13.80
C LEU A 589 22.95 23.91 14.76
N LYS A 590 23.89 23.43 15.56
CA LYS A 590 24.63 24.28 16.48
C LYS A 590 25.34 25.43 15.74
N ALA A 591 25.99 25.09 14.63
CA ALA A 591 26.73 26.11 13.86
C ALA A 591 25.77 27.18 13.35
N LYS A 592 24.58 26.75 12.93
CA LYS A 592 23.53 27.64 12.42
C LYS A 592 22.97 28.56 13.51
N ASN A 593 22.52 27.94 14.60
CA ASN A 593 22.02 28.66 15.77
C ASN A 593 23.01 29.67 16.35
N GLU A 594 24.25 29.23 16.56
CA GLU A 594 25.25 30.10 17.16
C GLU A 594 25.93 31.00 16.14
N LYS A 595 25.54 30.89 14.88
CA LYS A 595 26.14 31.69 13.80
C LYS A 595 27.67 31.60 13.81
N LEU A 596 28.20 30.39 13.84
CA LEU A 596 29.64 30.16 13.95
C LEU A 596 30.37 30.49 12.64
N GLU A 597 31.56 31.08 12.77
CA GLU A 597 32.41 31.39 11.63
C GLU A 597 33.20 30.16 11.21
N SER A 598 33.43 29.27 12.16
CA SER A 598 34.08 27.99 11.91
C SER A 598 33.59 26.95 12.91
N PHE A 599 33.66 25.67 12.52
CA PHE A 599 33.25 24.58 13.41
C PHE A 599 33.74 23.27 12.85
N GLN A 600 33.59 22.19 13.62
CA GLN A 600 34.01 20.88 13.11
C GLN A 600 32.84 19.93 12.89
N LEU A 601 33.01 19.03 11.93
CA LEU A 601 32.05 17.95 11.69
C LEU A 601 32.74 16.63 12.01
N THR A 602 32.04 15.71 12.68
CA THR A 602 32.59 14.39 12.92
C THR A 602 32.57 13.56 11.62
N PRO A 603 33.74 13.10 11.17
CA PRO A 603 33.76 12.33 9.93
C PRO A 603 33.02 10.99 10.04
N VAL A 604 32.67 10.42 8.89
CA VAL A 604 32.10 9.08 8.82
C VAL A 604 33.13 8.06 9.28
N ASN A 605 32.67 7.08 10.07
CA ASN A 605 33.52 6.01 10.56
C ASN A 605 34.25 5.35 9.38
N ALA A 606 35.59 5.37 9.40
CA ALA A 606 36.34 4.81 8.27
C ALA A 606 36.18 3.29 8.14
N GLN A 607 36.01 2.58 9.27
CA GLN A 607 35.83 1.12 9.18
C GLN A 607 34.49 0.79 8.53
N PHE A 608 33.54 1.68 8.74
CA PHE A 608 32.22 1.54 8.13
C PHE A 608 32.36 1.67 6.61
N ILE A 609 33.08 2.70 6.18
CA ILE A 609 33.30 2.92 4.75
C ILE A 609 34.03 1.70 4.15
N ASP A 610 35.01 1.18 4.90
CA ASP A 610 35.73 -0.02 4.50
C ASP A 610 34.82 -1.23 4.32
N ALA A 611 33.84 -1.34 5.21
CA ALA A 611 32.85 -2.42 5.15
C ALA A 611 31.97 -2.32 3.92
N ILE A 612 31.48 -1.12 3.64
CA ILE A 612 30.72 -0.94 2.41
C ILE A 612 31.56 -1.37 1.20
N LYS A 613 32.82 -0.95 1.17
CA LYS A 613 33.70 -1.28 0.04
C LYS A 613 33.82 -2.79 -0.12
N TYR A 614 34.05 -3.45 1.02
CA TYR A 614 34.16 -4.89 1.11
C TYR A 614 32.95 -5.62 0.49
N LEU A 615 31.75 -5.19 0.89
CA LEU A 615 30.53 -5.80 0.39
C LEU A 615 30.33 -5.48 -1.10
N LEU A 616 30.54 -4.22 -1.48
CA LEU A 616 30.41 -3.87 -2.89
C LEU A 616 31.34 -4.71 -3.77
N GLU A 617 32.53 -5.00 -3.26
CA GLU A 617 33.53 -5.68 -4.08
C GLU A 617 33.32 -7.20 -4.07
N ASP A 618 32.40 -7.67 -3.25
CA ASP A 618 32.15 -9.11 -3.16
C ASP A 618 31.25 -9.56 -4.33
N PRO A 619 31.81 -10.32 -5.28
CA PRO A 619 31.03 -10.67 -6.47
C PRO A 619 29.92 -11.65 -6.15
N HIS A 620 29.91 -12.19 -4.94
CA HIS A 620 28.92 -13.17 -4.54
C HIS A 620 27.82 -12.56 -3.70
N ALA A 621 27.93 -11.26 -3.44
CA ALA A 621 26.92 -10.55 -2.66
C ALA A 621 25.81 -10.04 -3.60
N ASP A 622 24.68 -9.70 -3.02
CA ASP A 622 23.47 -9.40 -3.77
C ASP A 622 23.39 -7.92 -4.19
N ALA A 623 23.15 -7.69 -5.48
CA ALA A 623 23.10 -6.34 -6.04
C ALA A 623 22.04 -5.45 -5.39
N GLY A 624 20.86 -6.02 -5.16
CA GLY A 624 19.78 -5.27 -4.51
C GLY A 624 20.19 -4.83 -3.11
N PHE A 625 20.75 -5.77 -2.34
CA PHE A 625 21.24 -5.45 -1.00
C PHE A 625 22.32 -4.35 -1.08
N LYS A 626 23.21 -4.48 -2.05
CA LYS A 626 24.28 -3.50 -2.25
C LYS A 626 23.70 -2.08 -2.43
N SER A 627 22.61 -1.96 -3.18
CA SER A 627 22.02 -0.63 -3.41
C SER A 627 21.42 -0.06 -2.12
N TYR A 628 20.95 -0.91 -1.21
CA TYR A 628 20.47 -0.40 0.07
C TYR A 628 21.62 0.16 0.92
N ILE A 629 22.76 -0.52 0.94
CA ILE A 629 23.83 -0.08 1.85
C ILE A 629 24.51 1.25 1.45
N VAL A 630 24.46 1.61 0.17
CA VAL A 630 25.03 2.89 -0.27
C VAL A 630 24.01 4.04 -0.23
N SER A 631 22.80 3.74 0.24
CA SER A 631 21.73 4.72 0.34
C SER A 631 21.49 5.07 1.81
N LEU A 632 21.44 6.36 2.13
CA LEU A 632 21.09 6.75 3.49
C LEU A 632 19.64 6.40 3.78
N PRO A 633 19.27 6.28 5.07
CA PRO A 633 17.89 6.04 5.46
C PRO A 633 16.96 7.11 4.88
N GLN A 634 15.76 6.70 4.48
CA GLN A 634 14.71 7.60 4.00
C GLN A 634 14.54 8.79 4.91
N ASP A 635 14.29 9.97 4.34
CA ASP A 635 14.04 11.15 5.15
C ASP A 635 12.91 10.92 6.14
N ARG A 636 11.85 10.22 5.73
CA ARG A 636 10.69 10.00 6.63
C ARG A 636 10.95 8.96 7.72
N TYR A 637 12.04 8.21 7.60
CA TYR A 637 12.51 7.38 8.70
C TYR A 637 13.34 8.21 9.69
N ILE A 638 14.26 9.02 9.14
CA ILE A 638 15.09 9.91 9.94
C ILE A 638 14.22 10.82 10.83
N ILE A 639 13.12 11.33 10.31
CA ILE A 639 12.39 12.39 11.03
C ILE A 639 11.76 11.84 12.33
N ASN A 640 11.56 10.53 12.41
CA ASN A 640 11.08 9.97 13.67
C ASN A 640 12.07 10.11 14.80
N PHE A 641 13.30 10.50 14.51
CA PHE A 641 14.33 10.52 15.54
C PHE A 641 14.81 11.92 15.91
N VAL A 642 14.20 12.93 15.30
CA VAL A 642 14.62 14.32 15.50
C VAL A 642 13.42 15.21 15.82
N SER A 643 13.47 15.94 16.93
CA SER A 643 12.43 16.94 17.24
C SER A 643 12.70 18.24 16.49
N ASN A 644 11.64 18.94 16.08
CA ASN A 644 11.80 20.26 15.48
C ASN A 644 12.79 20.22 14.31
N LEU A 645 12.63 19.21 13.46
CA LEU A 645 13.58 18.95 12.39
C LEU A 645 13.68 20.11 11.41
N ASP A 646 14.87 20.71 11.32
CA ASP A 646 15.16 21.70 10.32
C ASP A 646 15.54 20.96 9.04
N THR A 647 14.70 21.02 8.01
CA THR A 647 14.93 20.24 6.80
C THR A 647 16.17 20.68 6.02
N ASP A 648 16.54 21.96 6.11
CA ASP A 648 17.79 22.47 5.54
C ASP A 648 18.99 21.87 6.19
N VAL A 649 18.96 21.78 7.52
CA VAL A 649 20.10 21.26 8.24
C VAL A 649 20.18 19.78 7.92
N LEU A 650 19.05 19.11 7.83
CA LEU A 650 19.11 17.69 7.44
C LEU A 650 19.64 17.53 6.00
N ALA A 651 19.24 18.41 5.09
CA ALA A 651 19.77 18.35 3.73
C ALA A 651 21.30 18.52 3.74
N ASP A 652 21.81 19.45 4.54
CA ASP A 652 23.26 19.65 4.65
C ASP A 652 23.93 18.43 5.27
N THR A 653 23.27 17.81 6.24
CA THR A 653 23.81 16.62 6.88
C THR A 653 23.95 15.44 5.91
N LYS A 654 22.90 15.16 5.16
CA LYS A 654 22.96 14.12 4.15
C LYS A 654 24.04 14.40 3.11
N GLU A 655 24.08 15.63 2.63
CA GLU A 655 25.10 16.04 1.66
C GLU A 655 26.52 15.74 2.16
N TYR A 656 26.80 16.10 3.41
CA TYR A 656 28.14 15.89 3.99
C TYR A 656 28.49 14.41 4.04
N ILE A 657 27.55 13.58 4.47
CA ILE A 657 27.80 12.16 4.66
C ILE A 657 27.96 11.47 3.30
N TYR A 658 27.11 11.79 2.33
CA TYR A 658 27.31 11.23 1.00
C TYR A 658 28.65 11.64 0.40
N LYS A 659 29.04 12.89 0.62
CA LYS A 659 30.30 13.38 0.08
C LYS A 659 31.51 12.69 0.74
N GLN A 660 31.44 12.54 2.07
CA GLN A 660 32.45 11.78 2.82
C GLN A 660 32.67 10.38 2.24
N ILE A 661 31.59 9.66 2.00
CA ILE A 661 31.68 8.27 1.53
C ILE A 661 32.11 8.22 0.06
N GLY A 662 31.52 9.07 -0.78
CA GLY A 662 31.94 9.17 -2.17
C GLY A 662 33.41 9.58 -2.35
N ASP A 663 33.90 10.52 -1.53
CA ASP A 663 35.34 10.88 -1.60
C ASP A 663 36.22 9.65 -1.43
N LYS A 664 35.74 8.64 -0.70
CA LYS A 664 36.52 7.41 -0.58
C LYS A 664 36.16 6.36 -1.63
N LEU A 665 34.88 6.24 -2.02
CA LEU A 665 34.46 5.07 -2.80
C LEU A 665 34.06 5.33 -4.26
N ASN A 666 34.12 6.58 -4.72
CA ASN A 666 33.64 6.86 -6.08
C ASN A 666 34.31 6.02 -7.17
N ASP A 667 35.61 5.78 -7.04
CA ASP A 667 36.29 4.96 -8.05
C ASP A 667 35.72 3.52 -8.05
N VAL A 668 35.44 3.01 -6.86
CA VAL A 668 34.77 1.71 -6.71
C VAL A 668 33.38 1.73 -7.36
N TYR A 669 32.58 2.74 -7.03
CA TYR A 669 31.28 2.95 -7.67
C TYR A 669 31.38 2.94 -9.20
N TYR A 670 32.34 3.70 -9.72
CA TYR A 670 32.48 3.84 -11.16
C TYR A 670 32.84 2.51 -11.79
N LYS A 671 33.78 1.80 -11.19
CA LYS A 671 34.20 0.48 -11.66
C LYS A 671 33.05 -0.51 -11.71
N MET A 672 32.23 -0.52 -10.65
CA MET A 672 31.06 -1.40 -10.60
C MET A 672 30.02 -0.99 -11.61
N PHE A 673 29.77 0.31 -11.75
CA PHE A 673 28.82 0.78 -12.73
C PHE A 673 29.20 0.23 -14.12
N LYS A 674 30.49 0.21 -14.43
CA LYS A 674 30.88 -0.26 -15.75
C LYS A 674 30.82 -1.78 -15.83
N SER A 675 31.19 -2.46 -14.74
CA SER A 675 31.32 -3.91 -14.81
C SER A 675 29.96 -4.58 -14.78
N LEU A 676 28.97 -3.89 -14.23
CA LEU A 676 27.62 -4.45 -14.09
C LEU A 676 26.83 -4.41 -15.41
N GLU A 677 27.33 -3.64 -16.37
CA GLU A 677 26.54 -3.28 -17.55
C GLU A 677 26.08 -4.50 -18.31
N ALA A 678 27.01 -5.41 -18.60
CA ALA A 678 26.71 -6.55 -19.46
C ALA A 678 25.53 -7.35 -18.92
N LYS A 679 25.57 -7.69 -17.63
CA LYS A 679 24.50 -8.50 -17.08
C LYS A 679 23.25 -7.68 -16.82
N ALA A 680 23.42 -6.44 -16.38
CA ALA A 680 22.27 -5.64 -15.97
C ALA A 680 21.39 -5.30 -17.18
N ASP A 681 22.02 -5.02 -18.32
CA ASP A 681 21.29 -4.49 -19.46
C ASP A 681 21.09 -5.51 -20.56
N ASP A 682 21.32 -6.77 -20.22
CA ASP A 682 21.18 -7.90 -21.16
C ASP A 682 19.83 -7.85 -21.85
N LEU A 683 19.84 -7.86 -23.18
CA LEU A 683 18.62 -7.73 -23.99
C LEU A 683 18.03 -9.06 -24.48
N THR A 684 18.65 -10.19 -24.10
CA THR A 684 18.27 -11.50 -24.61
C THR A 684 16.75 -11.75 -24.59
N TYR A 685 16.11 -11.37 -23.50
CA TYR A 685 14.69 -11.61 -23.32
C TYR A 685 13.85 -10.33 -23.38
N PHE A 686 14.39 -9.28 -24.00
CA PHE A 686 13.69 -7.99 -24.05
C PHE A 686 12.32 -8.12 -24.76
N ASN A 687 12.20 -9.04 -25.71
CA ASN A 687 10.92 -9.25 -26.40
C ASN A 687 10.13 -10.45 -25.93
N ASP A 688 10.50 -10.98 -24.78
CA ASP A 688 9.71 -12.01 -24.12
C ASP A 688 9.08 -11.43 -22.86
N GLU A 689 7.78 -11.12 -22.91
CA GLU A 689 7.07 -10.55 -21.78
C GLU A 689 6.80 -11.51 -20.65
N SER A 690 7.12 -12.78 -20.83
CA SER A 690 6.86 -13.77 -19.80
C SER A 690 8.10 -13.99 -18.93
N HIS A 691 9.23 -13.48 -19.41
CA HIS A 691 10.53 -13.71 -18.75
C HIS A 691 10.91 -12.50 -17.88
N VAL A 692 10.77 -12.65 -16.57
CA VAL A 692 11.09 -11.56 -15.67
C VAL A 692 12.17 -12.01 -14.67
N ASP A 693 13.24 -11.23 -14.58
CA ASP A 693 14.41 -11.65 -13.81
C ASP A 693 14.64 -10.59 -12.75
N PHE A 694 14.20 -10.89 -11.54
CA PHE A 694 14.26 -9.90 -10.49
C PHE A 694 15.69 -9.58 -10.07
N ASP A 695 16.61 -10.52 -10.18
CA ASP A 695 18.04 -10.25 -9.89
CA ASP A 695 18.01 -10.23 -9.86
C ASP A 695 18.59 -9.24 -10.89
N GLN A 696 18.25 -9.44 -12.17
CA GLN A 696 18.74 -8.53 -13.20
C GLN A 696 18.21 -7.13 -12.96
N MET A 697 16.92 -7.03 -12.64
CA MET A 697 16.35 -5.73 -12.29
C MET A 697 17.06 -5.10 -11.09
N ASN A 698 17.44 -5.90 -10.09
CA ASN A 698 18.22 -5.38 -8.96
C ASN A 698 19.62 -4.88 -9.39
N MET A 699 20.20 -5.51 -10.40
CA MET A 699 21.47 -5.03 -10.94
C MET A 699 21.31 -3.68 -11.60
N ARG A 700 20.20 -3.51 -12.30
CA ARG A 700 19.91 -2.20 -12.86
C ARG A 700 19.68 -1.19 -11.73
N THR A 701 18.94 -1.56 -10.67
CA THR A 701 18.75 -0.63 -9.55
C THR A 701 20.11 -0.20 -8.99
N LEU A 702 21.03 -1.15 -8.87
CA LEU A 702 22.36 -0.82 -8.35
C LEU A 702 23.11 0.11 -9.30
N ARG A 703 23.08 -0.17 -10.60
CA ARG A 703 23.75 0.73 -11.55
C ARG A 703 23.16 2.15 -11.48
N ASN A 704 21.85 2.22 -11.38
CA ASN A 704 21.19 3.50 -11.43
C ASN A 704 21.38 4.29 -10.13
N THR A 705 21.51 3.56 -9.02
CA THR A 705 21.87 4.15 -7.74
C THR A 705 23.29 4.70 -7.77
N LEU A 706 24.21 3.88 -8.29
CA LEU A 706 25.60 4.30 -8.41
C LEU A 706 25.73 5.50 -9.35
N LEU A 707 25.03 5.45 -10.48
CA LEU A 707 25.10 6.57 -11.43
C LEU A 707 24.65 7.87 -10.79
N SER A 708 23.57 7.80 -10.02
CA SER A 708 23.09 8.97 -9.26
C SER A 708 24.17 9.52 -8.29
N LEU A 709 24.78 8.62 -7.52
CA LEU A 709 25.87 9.03 -6.63
C LEU A 709 27.03 9.68 -7.39
N LEU A 710 27.42 9.09 -8.51
CA LEU A 710 28.54 9.63 -9.28
C LEU A 710 28.18 10.96 -9.95
N SER A 711 26.93 11.13 -10.37
CA SER A 711 26.55 12.36 -11.05
C SER A 711 26.51 13.52 -10.07
N LYS A 712 25.93 13.26 -8.89
CA LYS A 712 25.86 14.29 -7.85
C LYS A 712 27.27 14.74 -7.50
N ALA A 713 28.19 13.78 -7.49
CA ALA A 713 29.59 14.05 -7.15
C ALA A 713 30.38 14.75 -8.26
N GLN A 714 29.78 14.88 -9.45
CA GLN A 714 30.50 15.41 -10.61
C GLN A 714 31.77 14.61 -10.85
N TYR A 715 31.66 13.29 -10.77
CA TYR A 715 32.76 12.40 -11.10
C TYR A 715 33.27 12.73 -12.50
N PRO A 716 34.60 12.75 -12.69
CA PRO A 716 35.18 13.16 -13.98
C PRO A 716 34.56 12.47 -15.18
N ASN A 717 34.05 13.28 -16.10
CA ASN A 717 33.46 12.83 -17.36
C ASN A 717 32.29 11.85 -17.21
N ILE A 718 31.58 11.94 -16.08
CA ILE A 718 30.44 11.04 -15.88
C ILE A 718 29.31 11.38 -16.86
N LEU A 719 29.32 12.59 -17.40
CA LEU A 719 28.29 13.02 -18.34
C LEU A 719 28.26 12.11 -19.57
N ASN A 720 29.44 11.62 -19.98
CA ASN A 720 29.52 10.66 -21.08
C ASN A 720 28.72 9.39 -20.78
N GLU A 721 28.84 8.91 -19.55
CA GLU A 721 28.08 7.72 -19.15
C GLU A 721 26.60 8.03 -19.17
N ILE A 722 26.25 9.24 -18.75
CA ILE A 722 24.87 9.65 -18.70
C ILE A 722 24.23 9.65 -20.10
N ILE A 723 24.94 10.25 -21.05
CA ILE A 723 24.46 10.33 -22.42
C ILE A 723 24.27 8.94 -23.01
N GLU A 724 25.24 8.06 -22.80
CA GLU A 724 25.14 6.68 -23.31
C GLU A 724 23.99 5.93 -22.65
N HIS A 725 23.80 6.17 -21.36
CA HIS A 725 22.71 5.57 -20.61
C HIS A 725 21.35 5.99 -21.19
N SER A 726 21.26 7.22 -21.69
CA SER A 726 20.01 7.70 -22.28
C SER A 726 19.61 6.93 -23.55
N LYS A 727 20.56 6.19 -24.13
CA LYS A 727 20.30 5.44 -25.36
C LYS A 727 19.92 3.98 -25.08
N SER A 728 19.83 3.62 -23.81
CA SER A 728 19.43 2.27 -23.41
C SER A 728 17.95 2.00 -23.75
N PRO A 729 17.63 0.76 -24.18
CA PRO A 729 16.24 0.37 -24.44
C PRO A 729 15.38 0.28 -23.16
N TYR A 730 15.99 0.13 -21.99
CA TYR A 730 15.23 0.00 -20.73
C TYR A 730 14.80 1.35 -20.15
N PRO A 731 13.48 1.58 -20.02
CA PRO A 731 13.02 2.87 -19.47
C PRO A 731 13.56 3.18 -18.06
N SER A 732 13.85 2.17 -17.24
CA SER A 732 14.47 2.46 -15.95
C SER A 732 15.80 3.16 -16.16
N ASN A 733 16.53 2.75 -17.21
CA ASN A 733 17.80 3.41 -17.50
C ASN A 733 17.62 4.78 -18.17
N TRP A 734 16.82 4.90 -19.22
CA TRP A 734 16.83 6.20 -19.88
C TRP A 734 16.05 7.28 -19.07
N LEU A 735 15.10 6.86 -18.22
CA LEU A 735 14.50 7.83 -17.30
C LEU A 735 15.48 8.19 -16.19
N THR A 736 16.31 7.23 -15.76
CA THR A 736 17.37 7.54 -14.82
C THR A 736 18.31 8.58 -15.44
N SER A 737 18.58 8.45 -16.75
CA SER A 737 19.51 9.38 -17.37
C SER A 737 18.99 10.82 -17.28
N LEU A 738 17.69 11.00 -17.44
CA LEU A 738 17.06 12.30 -17.19
C LEU A 738 17.29 12.83 -15.76
N SER A 739 16.97 12.04 -14.75
CA SER A 739 17.08 12.60 -13.40
C SER A 739 18.53 12.87 -12.99
N VAL A 740 19.49 12.02 -13.38
CA VAL A 740 20.88 12.28 -12.97
C VAL A 740 21.49 13.42 -13.79
N SER A 741 20.91 13.70 -14.96
CA SER A 741 21.43 14.79 -15.80
C SER A 741 21.07 16.16 -15.25
N ALA A 742 20.22 16.18 -14.23
CA ALA A 742 19.82 17.41 -13.53
C ALA A 742 21.03 18.27 -13.14
N TYR A 743 22.13 17.60 -12.81
CA TYR A 743 23.35 18.29 -12.39
C TYR A 743 24.23 18.77 -13.56
N PHE A 744 23.68 18.71 -14.78
CA PHE A 744 24.46 19.11 -15.95
C PHE A 744 23.69 20.00 -16.93
N ASP A 745 24.42 20.63 -17.83
CA ASP A 745 23.85 21.52 -18.85
C ASP A 745 22.90 20.80 -19.80
N LYS A 746 22.99 19.47 -19.82
CA LYS A 746 22.27 18.61 -20.74
C LYS A 746 20.83 18.28 -20.29
N TYR A 747 20.44 18.72 -19.10
CA TYR A 747 19.15 18.31 -18.55
C TYR A 747 17.96 18.51 -19.52
N PHE A 748 17.81 19.70 -20.09
CA PHE A 748 16.64 19.96 -20.93
C PHE A 748 16.72 19.27 -22.30
N GLU A 749 17.92 19.00 -22.77
CA GLU A 749 18.08 18.14 -23.94
C GLU A 749 17.53 16.72 -23.62
N LEU A 750 17.88 16.17 -22.47
CA LEU A 750 17.38 14.84 -22.11
C LEU A 750 15.89 14.89 -21.76
N TYR A 751 15.46 16.03 -21.23
CA TYR A 751 14.05 16.27 -20.92
C TYR A 751 13.21 16.09 -22.18
N ASP A 752 13.63 16.77 -23.25
CA ASP A 752 12.94 16.67 -24.54
C ASP A 752 13.02 15.28 -25.15
N LYS A 753 14.21 14.67 -25.08
CA LYS A 753 14.42 13.35 -25.65
C LYS A 753 13.52 12.34 -25.00
N THR A 754 13.54 12.32 -23.67
CA THR A 754 12.78 11.33 -22.91
C THR A 754 11.27 11.63 -23.00
N TYR A 755 10.92 12.91 -23.15
CA TYR A 755 9.51 13.23 -23.31
C TYR A 755 8.99 12.58 -24.60
N LYS A 756 9.76 12.76 -25.68
CA LYS A 756 9.39 12.21 -26.98
C LYS A 756 9.25 10.70 -26.93
N LEU A 757 10.13 10.04 -26.16
CA LEU A 757 10.04 8.59 -25.93
C LEU A 757 8.82 8.17 -25.12
N SER A 758 8.31 9.08 -24.29
CA SER A 758 7.27 8.73 -23.33
C SER A 758 5.85 9.10 -23.73
N LYS A 759 5.74 10.09 -24.60
CA LYS A 759 4.46 10.78 -24.75
C LYS A 759 3.33 9.96 -25.37
N ASP A 760 3.65 8.86 -26.05
CA ASP A 760 2.61 8.12 -26.77
C ASP A 760 2.12 6.88 -26.02
N ASP A 761 2.61 6.69 -24.80
CA ASP A 761 2.08 5.66 -23.92
C ASP A 761 1.66 6.33 -22.61
N GLU A 762 0.37 6.23 -22.31
CA GLU A 762 -0.21 6.92 -21.16
C GLU A 762 0.53 6.70 -19.85
N LEU A 763 0.90 5.44 -19.60
CA LEU A 763 1.52 5.10 -18.31
C LEU A 763 3.00 5.48 -18.31
N LEU A 764 3.66 5.36 -19.46
CA LEU A 764 5.05 5.78 -19.57
C LEU A 764 5.18 7.30 -19.37
N LEU A 765 4.24 8.05 -19.94
CA LEU A 765 4.24 9.48 -19.76
C LEU A 765 4.08 9.85 -18.27
N GLN A 766 3.27 9.08 -17.55
CA GLN A 766 3.14 9.30 -16.11
C GLN A 766 4.46 9.01 -15.39
N GLU A 767 5.18 7.99 -15.84
CA GLU A 767 6.50 7.72 -15.27
C GLU A 767 7.48 8.86 -15.58
N TRP A 768 7.41 9.41 -16.80
CA TRP A 768 8.23 10.55 -17.18
C TRP A 768 7.90 11.76 -16.29
N LEU A 769 6.61 12.00 -16.10
CA LEU A 769 6.18 13.06 -15.19
C LEU A 769 6.78 12.90 -13.80
N LYS A 770 6.73 11.69 -13.26
CA LYS A 770 7.33 11.47 -11.93
C LYS A 770 8.82 11.80 -11.93
N THR A 771 9.50 11.43 -13.01
CA THR A 771 10.95 11.60 -13.11
C THR A 771 11.30 13.09 -13.13
N VAL A 772 10.51 13.85 -13.86
CA VAL A 772 10.69 15.29 -13.87
C VAL A 772 10.41 15.87 -12.49
N SER A 773 9.25 15.52 -11.94
CA SER A 773 8.81 15.99 -10.61
C SER A 773 9.89 15.80 -9.52
N ARG A 774 10.61 14.68 -9.56
CA ARG A 774 11.56 14.42 -8.51
C ARG A 774 12.99 14.78 -8.90
N SER A 775 13.17 15.41 -10.06
CA SER A 775 14.48 15.91 -10.51
C SER A 775 15.10 16.92 -9.55
N ASP A 776 16.36 16.71 -9.18
CA ASP A 776 17.04 17.64 -8.29
C ASP A 776 17.51 18.90 -9.02
N ARG A 777 16.55 19.77 -9.28
CA ARG A 777 16.74 20.97 -10.06
C ARG A 777 16.51 22.24 -9.23
N LYS A 778 17.39 23.22 -9.37
CA LYS A 778 17.20 24.46 -8.63
C LYS A 778 16.01 25.21 -9.20
N ASP A 779 15.73 25.02 -10.50
CA ASP A 779 14.56 25.64 -11.14
C ASP A 779 13.32 24.73 -11.14
N ILE A 780 13.18 23.87 -10.13
CA ILE A 780 12.10 22.90 -10.12
C ILE A 780 10.70 23.54 -10.10
N TYR A 781 10.55 24.72 -9.50
CA TYR A 781 9.23 25.37 -9.49
C TYR A 781 8.81 25.86 -10.87
N GLU A 782 9.79 26.39 -11.59
CA GLU A 782 9.58 26.83 -12.96
C GLU A 782 9.26 25.60 -13.85
N ILE A 783 9.97 24.50 -13.60
CA ILE A 783 9.71 23.26 -14.31
C ILE A 783 8.31 22.73 -14.04
N LEU A 784 7.87 22.77 -12.78
CA LEU A 784 6.51 22.31 -12.45
C LEU A 784 5.46 23.15 -13.17
N LYS A 785 5.70 24.45 -13.27
CA LYS A 785 4.80 25.33 -13.98
C LYS A 785 4.72 24.92 -15.48
N LYS A 786 5.87 24.58 -16.04
CA LYS A 786 5.92 24.10 -17.42
C LYS A 786 5.10 22.81 -17.59
N LEU A 787 5.23 21.88 -16.65
CA LEU A 787 4.44 20.65 -16.71
C LEU A 787 2.97 20.94 -16.65
N GLU A 788 2.57 21.88 -15.79
CA GLU A 788 1.16 22.20 -15.64
C GLU A 788 0.59 22.73 -16.95
N ASN A 789 1.31 23.65 -17.57
CA ASN A 789 0.83 24.31 -18.79
C ASN A 789 0.92 23.44 -20.01
N GLU A 790 1.92 22.58 -20.09
CA GLU A 790 2.21 21.87 -21.33
C GLU A 790 1.73 20.43 -21.38
N VAL A 791 1.67 19.77 -20.23
CA VAL A 791 1.37 18.34 -20.18
C VAL A 791 0.16 17.98 -19.34
N LEU A 792 0.14 18.44 -18.08
CA LEU A 792 -0.92 18.07 -17.14
C LEU A 792 -2.24 18.76 -17.43
N LYS A 793 -2.18 20.09 -17.55
CA LYS A 793 -3.34 20.93 -17.79
C LYS A 793 -4.47 20.64 -16.82
N ASP A 794 -5.67 20.44 -17.36
CA ASP A 794 -6.79 20.27 -16.44
CA ASP A 794 -6.93 20.25 -16.67
C ASP A 794 -7.25 18.81 -16.34
N SER A 795 -6.30 17.88 -16.54
CA SER A 795 -6.57 16.47 -16.32
C SER A 795 -7.16 16.21 -14.94
N LYS A 796 -8.16 15.34 -14.90
CA LYS A 796 -8.73 14.89 -13.64
C LYS A 796 -8.30 13.46 -13.36
N ASN A 797 -7.36 12.95 -14.16
CA ASN A 797 -6.83 11.60 -13.96
C ASN A 797 -5.93 11.60 -12.71
N PRO A 798 -6.30 10.82 -11.67
CA PRO A 798 -5.50 10.82 -10.45
C PRO A 798 -4.06 10.39 -10.69
N ASN A 799 -3.82 9.48 -11.63
CA ASN A 799 -2.45 9.13 -11.96
C ASN A 799 -1.63 10.34 -12.44
N ASP A 800 -2.25 11.24 -13.22
CA ASP A 800 -1.54 12.40 -13.75
C ASP A 800 -1.19 13.39 -12.64
N ILE A 801 -2.20 13.71 -11.83
CA ILE A 801 -2.04 14.65 -10.72
C ILE A 801 -1.00 14.11 -9.71
N ARG A 802 -1.16 12.86 -9.28
CA ARG A 802 -0.19 12.32 -8.34
C ARG A 802 1.23 12.27 -8.93
N ALA A 803 1.35 11.98 -10.23
CA ALA A 803 2.67 11.87 -10.85
C ALA A 803 3.38 13.24 -10.86
N VAL A 804 2.63 14.30 -11.09
CA VAL A 804 3.25 15.62 -11.22
C VAL A 804 3.71 16.16 -9.86
N TYR A 805 2.94 15.91 -8.82
CA TYR A 805 3.16 16.60 -7.54
C TYR A 805 3.79 15.79 -6.40
N LEU A 806 3.44 14.52 -6.23
CA LEU A 806 3.93 13.80 -5.07
C LEU A 806 5.46 13.62 -5.05
N PRO A 807 6.08 13.29 -6.19
CA PRO A 807 7.54 13.10 -6.09
C PRO A 807 8.28 14.36 -5.65
N PHE A 808 7.83 15.49 -6.18
CA PHE A 808 8.35 16.80 -5.79
C PHE A 808 8.25 17.06 -4.29
N THR A 809 7.18 16.58 -3.66
CA THR A 809 6.99 16.87 -2.22
C THR A 809 8.04 16.16 -1.39
N ASN A 810 8.77 15.23 -2.01
CA ASN A 810 9.87 14.60 -1.29
C ASN A 810 11.22 15.28 -1.54
N ASN A 811 11.21 16.40 -2.26
CA ASN A 811 12.42 17.17 -2.46
C ASN A 811 12.72 17.95 -1.18
N LEU A 812 13.66 17.44 -0.38
CA LEU A 812 13.85 17.94 0.98
C LEU A 812 14.17 19.42 0.98
N ARG A 813 15.08 19.79 0.11
CA ARG A 813 15.50 21.12 0.03
C ARG A 813 14.50 22.10 -0.52
N ARG A 814 13.78 21.74 -1.58
CA ARG A 814 12.91 22.68 -2.31
C ARG A 814 11.44 22.66 -1.91
N PHE A 815 10.87 21.47 -1.67
CA PHE A 815 9.48 21.45 -1.23
C PHE A 815 9.34 22.23 0.06
N HIS A 816 10.37 22.12 0.91
CA HIS A 816 10.36 22.75 2.23
C HIS A 816 11.05 24.11 2.21
N ASP A 817 11.04 24.76 1.04
CA ASP A 817 11.58 26.11 0.91
C ASP A 817 11.00 26.97 2.04
N ILE A 818 11.88 27.73 2.70
CA ILE A 818 11.50 28.43 3.93
C ILE A 818 10.46 29.53 3.67
N SER A 819 10.29 29.93 2.42
CA SER A 819 9.21 30.88 2.07
C SER A 819 7.82 30.28 2.26
N GLY A 820 7.75 28.95 2.28
CA GLY A 820 6.47 28.27 2.30
C GLY A 820 5.82 28.09 0.93
N LYS A 821 6.55 28.44 -0.14
CA LYS A 821 5.98 28.39 -1.50
C LYS A 821 5.59 26.98 -1.94
N GLY A 822 6.31 25.97 -1.49
CA GLY A 822 5.94 24.59 -1.79
C GLY A 822 4.69 24.14 -1.05
N TYR A 823 4.54 24.53 0.20
CA TYR A 823 3.32 24.24 0.95
C TYR A 823 2.12 24.92 0.29
N LYS A 824 2.33 26.15 -0.17
CA LYS A 824 1.28 26.90 -0.84
C LYS A 824 0.86 26.20 -2.12
N LEU A 825 1.86 25.70 -2.85
CA LEU A 825 1.59 25.08 -4.13
C LEU A 825 0.79 23.78 -3.95
N ILE A 826 1.19 22.93 -3.00
CA ILE A 826 0.49 21.68 -2.84
C ILE A 826 -0.94 21.91 -2.25
N ALA A 827 -1.11 22.89 -1.36
CA ALA A 827 -2.46 23.18 -0.85
C ALA A 827 -3.41 23.67 -1.97
N GLU A 828 -2.89 24.46 -2.90
CA GLU A 828 -3.72 24.91 -4.03
C GLU A 828 -4.17 23.70 -4.88
N VAL A 829 -3.27 22.76 -5.09
CA VAL A 829 -3.59 21.54 -5.83
C VAL A 829 -4.60 20.68 -5.06
N ILE A 830 -4.42 20.56 -3.75
CA ILE A 830 -5.36 19.81 -2.92
C ILE A 830 -6.75 20.41 -3.00
N THR A 831 -6.84 21.72 -2.83
CA THR A 831 -8.13 22.38 -2.90
C THR A 831 -8.81 22.24 -4.26
N LYS A 832 -8.02 22.39 -5.32
CA LYS A 832 -8.53 22.24 -6.69
C LYS A 832 -9.03 20.81 -6.95
N THR A 833 -8.25 19.83 -6.49
CA THR A 833 -8.61 18.42 -6.65
C THR A 833 -9.84 18.07 -5.84
N ASP A 834 -9.97 18.67 -4.66
CA ASP A 834 -11.07 18.35 -3.74
C ASP A 834 -12.47 18.64 -4.33
N LYS A 835 -12.52 19.55 -5.31
CA LYS A 835 -13.76 19.88 -6.01
C LYS A 835 -14.38 18.72 -6.74
N PHE A 836 -13.53 17.82 -7.24
CA PHE A 836 -14.05 16.73 -8.04
C PHE A 836 -13.67 15.34 -7.52
N ASN A 837 -12.62 15.23 -6.69
CA ASN A 837 -12.23 13.93 -6.14
C ASN A 837 -11.65 14.04 -4.73
N PRO A 838 -12.52 14.06 -3.72
CA PRO A 838 -12.11 14.23 -2.32
C PRO A 838 -11.14 13.15 -1.82
N MET A 839 -11.33 11.91 -2.26
CA MET A 839 -10.43 10.86 -1.82
C MET A 839 -8.97 11.14 -2.28
N VAL A 840 -8.81 11.55 -3.53
CA VAL A 840 -7.46 11.81 -4.03
C VAL A 840 -6.94 13.13 -3.44
N ALA A 841 -7.83 14.09 -3.19
CA ALA A 841 -7.37 15.34 -2.56
C ALA A 841 -6.74 15.02 -1.19
N THR A 842 -7.31 14.06 -0.47
CA THR A 842 -6.73 13.77 0.84
C THR A 842 -5.44 12.97 0.70
N GLN A 843 -5.32 12.15 -0.34
CA GLN A 843 -4.02 11.51 -0.63
C GLN A 843 -2.95 12.57 -0.84
N LEU A 844 -3.33 13.64 -1.51
CA LEU A 844 -2.37 14.70 -1.84
C LEU A 844 -1.96 15.49 -0.57
N CYS A 845 -2.68 15.29 0.53
CA CYS A 845 -2.26 15.86 1.84
C CYS A 845 -1.03 15.20 2.49
N GLU A 846 -0.56 14.09 1.93
CA GLU A 846 0.44 13.29 2.59
C GLU A 846 1.66 14.07 3.11
N PRO A 847 2.18 15.07 2.35
CA PRO A 847 3.37 15.75 2.89
C PRO A 847 3.12 16.54 4.18
N PHE A 848 1.88 16.93 4.45
CA PHE A 848 1.56 17.64 5.68
C PHE A 848 1.49 16.70 6.89
N LYS A 849 1.60 15.38 6.69
CA LYS A 849 1.44 14.48 7.84
C LYS A 849 2.48 14.71 8.95
N LEU A 850 3.68 15.18 8.57
CA LEU A 850 4.75 15.37 9.53
C LEU A 850 4.87 16.82 10.03
N TRP A 851 3.83 17.63 9.79
CA TRP A 851 3.93 19.07 10.01
C TRP A 851 4.44 19.46 11.39
N ASN A 852 4.02 18.72 12.42
CA ASN A 852 4.35 19.12 13.78
C ASN A 852 5.69 18.54 14.21
N LYS A 853 6.40 17.92 13.26
CA LYS A 853 7.74 17.37 13.55
C LYS A 853 8.87 18.26 13.05
N LEU A 854 8.52 19.32 12.34
CA LEU A 854 9.50 20.18 11.72
C LEU A 854 9.87 21.34 12.65
N ASP A 855 10.84 22.13 12.22
CA ASP A 855 11.23 23.33 12.97
C ASP A 855 10.04 24.27 13.07
N THR A 856 10.08 25.20 14.04
CA THR A 856 8.87 25.97 14.37
C THR A 856 8.41 26.88 13.24
N LYS A 857 9.33 27.41 12.44
CA LYS A 857 8.93 28.21 11.29
C LYS A 857 8.13 27.38 10.29
N ARG A 858 8.59 26.17 9.99
CA ARG A 858 7.94 25.36 8.99
C ARG A 858 6.65 24.77 9.53
N GLN A 859 6.60 24.52 10.84
CA GLN A 859 5.34 24.10 11.48
C GLN A 859 4.29 25.17 11.24
N GLU A 860 4.65 26.41 11.53
CA GLU A 860 3.75 27.54 11.34
C GLU A 860 3.29 27.67 9.87
N LEU A 861 4.23 27.54 8.93
CA LEU A 861 3.90 27.68 7.51
C LEU A 861 2.93 26.58 7.05
N MET A 862 3.21 25.35 7.44
CA MET A 862 2.34 24.24 7.07
C MET A 862 0.94 24.41 7.69
N LEU A 863 0.91 24.81 8.95
CA LEU A 863 -0.35 24.94 9.68
C LEU A 863 -1.18 26.04 9.05
N ASN A 864 -0.52 27.09 8.58
CA ASN A 864 -1.23 28.16 7.92
C ASN A 864 -1.95 27.68 6.64
N GLU A 865 -1.27 26.85 5.85
CA GLU A 865 -1.89 26.33 4.62
C GLU A 865 -3.01 25.36 4.95
N MET A 866 -2.84 24.56 6.00
CA MET A 866 -3.91 23.64 6.38
C MET A 866 -5.14 24.38 6.87
N ASN A 867 -4.95 25.42 7.67
CA ASN A 867 -6.09 26.23 8.12
C ASN A 867 -6.75 26.95 6.94
N THR A 868 -5.94 27.43 6.00
CA THR A 868 -6.47 27.99 4.76
C THR A 868 -7.37 26.96 4.01
N MET A 869 -6.90 25.73 3.88
CA MET A 869 -7.72 24.70 3.21
C MET A 869 -9.00 24.42 3.99
N LEU A 870 -8.88 24.36 5.31
CA LEU A 870 -10.04 24.16 6.19
C LEU A 870 -11.09 25.26 6.08
N GLN A 871 -10.67 26.45 5.67
CA GLN A 871 -11.58 27.59 5.58
C GLN A 871 -12.31 27.65 4.23
N GLU A 872 -11.96 26.76 3.30
CA GLU A 872 -12.64 26.74 1.99
C GLU A 872 -14.11 26.38 2.16
N PRO A 873 -15.03 27.27 1.74
CA PRO A 873 -16.46 27.02 1.93
C PRO A 873 -16.93 25.69 1.36
N GLN A 874 -16.33 25.27 0.24
CA GLN A 874 -16.82 24.07 -0.45
C GLN A 874 -16.03 22.81 -0.11
N ILE A 875 -15.21 22.85 0.91
CA ILE A 875 -14.43 21.68 1.32
C ILE A 875 -15.26 20.40 1.52
N SER A 876 -14.72 19.27 1.07
CA SER A 876 -15.45 18.01 1.15
C SER A 876 -15.46 17.48 2.57
N ASN A 877 -16.37 16.55 2.84
CA ASN A 877 -16.33 15.81 4.10
C ASN A 877 -14.99 15.13 4.38
N ASN A 878 -14.47 14.40 3.38
CA ASN A 878 -13.17 13.73 3.46
C ASN A 878 -12.07 14.64 3.93
N LEU A 879 -11.90 15.74 3.21
CA LEU A 879 -10.76 16.61 3.44
C LEU A 879 -10.92 17.36 4.77
N LYS A 880 -12.14 17.78 5.06
CA LYS A 880 -12.37 18.53 6.30
C LYS A 880 -12.02 17.65 7.50
N GLU A 881 -12.51 16.42 7.46
CA GLU A 881 -12.37 15.45 8.53
C GLU A 881 -10.88 15.13 8.77
N TYR A 882 -10.18 14.88 7.68
CA TYR A 882 -8.77 14.57 7.71
C TYR A 882 -7.92 15.71 8.28
N LEU A 883 -8.15 16.94 7.79
CA LEU A 883 -7.36 18.08 8.26
C LEU A 883 -7.69 18.46 9.70
N LEU A 884 -8.94 18.26 10.10
CA LEU A 884 -9.30 18.48 11.50
C LEU A 884 -8.52 17.52 12.40
N ARG A 885 -8.45 16.25 12.03
CA ARG A 885 -7.68 15.29 12.83
C ARG A 885 -6.18 15.62 12.80
N LEU A 886 -5.68 15.97 11.61
CA LEU A 886 -4.24 16.21 11.46
C LEU A 886 -3.76 17.43 12.21
N THR A 887 -4.60 18.46 12.30
CA THR A 887 -4.21 19.70 12.95
C THR A 887 -4.67 19.75 14.40
N ASN A 888 -5.09 18.60 14.93
CA ASN A 888 -5.52 18.53 16.33
C ASN A 888 -6.55 19.58 16.66
N LYS A 889 -7.49 19.82 15.77
CA LYS A 889 -8.51 20.84 16.02
C LYS A 889 -9.65 20.25 16.83
#